data_8HUC
#
_entry.id   8HUC
#
_cell.length_a   65.312
_cell.length_b   66.197
_cell.length_c   77.462
_cell.angle_alpha   102.45
_cell.angle_beta   95.07
_cell.angle_gamma   101.06
#
_symmetry.space_group_name_H-M   'P 1'
#
loop_
_entity.id
_entity.type
_entity.pdbx_description
1 polymer 'MaoC_dehydrat_N domain-containing protein'
2 non-polymer GLYCEROL
3 non-polymer 'NITRATE ION'
4 water water
#
_entity_poly.entity_id   1
_entity_poly.type   'polypeptide(L)'
_entity_poly.pdbx_seq_one_letter_code
;MSESAFAPWIGRQEETHDQLSRNLVKRIAATFGELTPAHGEALPPLWHWAFFQDPVEAAGLGVDGHPARGGFLPPADDRN
RMWAGGRLEFHQPLRVGGEASRTSTILRVEEKHGRSGALLFVTLRHDYRQDGQLALSEEHDIVYREPTPPKLGGTEALPE
GDWREALEPDPVLLFRYSAVTFNGHRIHYDWPYVTDAEGYPGLVVHGPLIATLALRAFCRANPQARLRRFAYRGLRPLIC
PEPFEVGGRLLAAGKAEVWVGNGAGLAQRGDVEFD
;
_entity_poly.pdbx_strand_id   A,B,C,D
#
loop_
_chem_comp.id
_chem_comp.type
_chem_comp.name
_chem_comp.formula
GOL non-polymer GLYCEROL 'C3 H8 O3'
NO3 non-polymer 'NITRATE ION' 'N O3 -1'
#
# COMPACT_ATOMS: atom_id res chain seq x y z
N ALA A 7 -8.58 30.64 20.43
CA ALA A 7 -8.97 32.05 20.39
C ALA A 7 -8.07 32.88 19.46
N PRO A 8 -6.75 32.80 19.64
CA PRO A 8 -5.84 33.38 18.63
C PRO A 8 -5.80 32.55 17.36
N TRP A 9 -6.21 33.16 16.23
CA TRP A 9 -6.33 32.42 14.97
C TRP A 9 -4.97 31.85 14.53
N ILE A 10 -3.92 32.67 14.58
CA ILE A 10 -2.61 32.17 14.22
C ILE A 10 -2.09 31.17 15.24
N GLY A 11 -1.16 30.31 14.78
CA GLY A 11 -0.45 29.37 15.63
C GLY A 11 -1.12 28.02 15.87
N ARG A 12 -2.32 27.81 15.36
CA ARG A 12 -2.99 26.52 15.50
C ARG A 12 -2.44 25.54 14.47
N GLN A 13 -1.61 24.60 14.91
CA GLN A 13 -0.96 23.66 13.99
C GLN A 13 -1.89 22.50 13.63
N GLU A 14 -1.91 22.17 12.33
CA GLU A 14 -2.67 21.05 11.81
C GLU A 14 -1.76 20.20 10.92
N GLU A 15 -1.93 18.89 10.96
CA GLU A 15 -1.05 18.01 10.22
C GLU A 15 -1.87 17.18 9.26
N THR A 16 -1.32 16.93 8.09
CA THR A 16 -2.00 16.06 7.12
C THR A 16 -0.96 15.18 6.44
N HIS A 17 -1.40 14.01 6.02
CA HIS A 17 -0.49 12.99 5.51
C HIS A 17 -0.91 12.60 4.11
N ASP A 18 0.07 12.28 3.26
CA ASP A 18 -0.27 11.85 1.92
C ASP A 18 0.75 10.85 1.38
N GLN A 19 0.39 10.23 0.28
CA GLN A 19 1.30 9.39 -0.50
C GLN A 19 1.48 10.11 -1.84
N LEU A 20 2.72 10.39 -2.19
CA LEU A 20 3.08 11.07 -3.44
C LEU A 20 3.01 10.04 -4.57
N SER A 21 1.79 9.59 -4.85
CA SER A 21 1.58 8.44 -5.69
C SER A 21 1.69 8.81 -7.17
N ARG A 22 2.31 7.90 -7.92
CA ARG A 22 2.71 8.18 -9.28
C ARG A 22 1.49 8.38 -10.17
N ASN A 23 0.35 7.75 -9.83
CA ASN A 23 -0.85 7.93 -10.65
C ASN A 23 -1.24 9.40 -10.77
N LEU A 24 -1.14 10.17 -9.68
N LEU A 24 -1.13 10.16 -9.68
CA LEU A 24 -1.42 11.59 -9.83
CA LEU A 24 -1.37 11.59 -9.72
C LEU A 24 -0.24 12.33 -10.45
C LEU A 24 -0.24 12.30 -10.45
N VAL A 25 0.99 11.84 -10.28
CA VAL A 25 2.14 12.48 -10.92
C VAL A 25 1.99 12.42 -12.44
N LYS A 26 1.48 11.30 -12.97
CA LYS A 26 1.28 11.23 -14.41
C LYS A 26 0.34 12.33 -14.91
N ARG A 27 -0.68 12.66 -14.12
CA ARG A 27 -1.65 13.66 -14.54
C ARG A 27 -1.05 15.05 -14.52
N ILE A 28 -0.18 15.32 -13.55
CA ILE A 28 0.53 16.59 -13.52
C ILE A 28 1.47 16.69 -14.72
N ALA A 29 2.20 15.61 -14.99
CA ALA A 29 3.16 15.61 -16.08
C ALA A 29 2.46 15.88 -17.40
N ALA A 30 1.28 15.31 -17.57
CA ALA A 30 0.50 15.50 -18.77
C ALA A 30 -0.03 16.93 -18.90
N THR A 31 -0.45 17.52 -17.79
CA THR A 31 -0.90 18.90 -17.78
C THR A 31 0.20 19.81 -18.29
N PHE A 32 1.43 19.60 -17.84
CA PHE A 32 2.55 20.45 -18.19
C PHE A 32 3.30 19.98 -19.43
N GLY A 33 2.92 18.85 -20.02
CA GLY A 33 3.69 18.28 -21.11
C GLY A 33 5.11 17.93 -20.76
N GLU A 34 5.33 17.48 -19.53
CA GLU A 34 6.66 17.11 -19.08
C GLU A 34 6.76 15.60 -19.00
N LEU A 35 8.00 15.11 -18.85
CA LEU A 35 8.23 13.71 -18.57
C LEU A 35 7.63 13.34 -17.21
N THR A 36 7.21 12.09 -17.08
CA THR A 36 6.64 11.60 -15.81
C THR A 36 7.76 10.95 -15.01
N PRO A 37 8.15 11.52 -13.86
CA PRO A 37 9.28 10.91 -13.13
C PRO A 37 8.92 9.48 -12.75
N ALA A 38 9.93 8.64 -12.64
CA ALA A 38 9.76 7.24 -12.25
C ALA A 38 9.56 7.13 -10.74
N HIS A 39 9.04 5.99 -10.30
CA HIS A 39 8.97 5.72 -8.87
C HIS A 39 10.33 6.05 -8.29
N GLY A 40 10.35 6.74 -7.17
CA GLY A 40 11.57 6.97 -6.44
C GLY A 40 12.37 8.17 -6.86
N GLU A 41 12.04 8.80 -7.98
CA GLU A 41 12.74 9.99 -8.39
C GLU A 41 12.12 11.22 -7.71
N ALA A 42 12.81 12.34 -7.87
CA ALA A 42 12.36 13.62 -7.36
C ALA A 42 11.01 14.03 -7.94
N LEU A 43 10.11 14.49 -7.07
CA LEU A 43 8.93 15.23 -7.53
C LEU A 43 9.35 16.62 -8.02
N PRO A 44 8.98 17.02 -9.23
CA PRO A 44 9.51 18.28 -9.77
C PRO A 44 9.08 19.46 -8.91
N PRO A 45 9.82 20.54 -8.97
CA PRO A 45 9.50 21.70 -8.12
C PRO A 45 8.07 22.18 -8.26
N LEU A 46 7.41 22.40 -7.10
CA LEU A 46 6.06 22.96 -7.00
C LEU A 46 4.96 21.99 -7.42
N TRP A 47 5.30 20.78 -7.89
CA TRP A 47 4.26 19.76 -8.07
C TRP A 47 3.70 19.27 -6.74
N HIS A 48 4.37 19.56 -5.60
CA HIS A 48 3.79 19.20 -4.30
C HIS A 48 2.39 19.75 -4.12
N TRP A 49 2.03 20.77 -4.89
CA TRP A 49 0.71 21.41 -4.77
C TRP A 49 -0.41 20.50 -5.25
N ALA A 50 -0.11 19.48 -6.05
CA ALA A 50 -1.09 18.46 -6.39
C ALA A 50 -1.50 17.57 -5.22
N PHE A 51 -0.75 17.60 -4.13
CA PHE A 51 -0.88 16.66 -3.03
C PHE A 51 -1.34 17.38 -1.78
N PHE A 52 -1.50 16.61 -0.71
CA PHE A 52 -2.01 17.05 0.55
C PHE A 52 -3.37 17.72 0.46
N GLN A 53 -4.22 17.19 -0.38
CA GLN A 53 -5.55 17.76 -0.53
C GLN A 53 -6.52 17.07 0.42
N ASP A 54 -7.25 17.89 1.19
CA ASP A 54 -8.27 17.43 2.12
C ASP A 54 -9.60 18.06 1.71
N PRO A 55 -10.08 17.75 0.51
CA PRO A 55 -11.27 18.47 0.01
C PRO A 55 -12.42 18.28 0.99
N VAL A 56 -13.38 19.19 0.89
CA VAL A 56 -14.58 19.13 1.70
C VAL A 56 -15.71 18.72 0.80
N GLU A 57 -16.73 18.14 1.44
CA GLU A 57 -17.93 17.71 0.75
C GLU A 57 -18.62 18.91 0.13
N ALA A 58 -19.33 18.63 -0.96
CA ALA A 58 -20.06 19.65 -1.72
C ALA A 58 -20.84 20.56 -0.81
N ALA A 59 -21.41 20.01 0.26
CA ALA A 59 -22.24 20.78 1.17
C ALA A 59 -21.47 21.78 2.02
N GLY A 60 -20.14 21.71 2.05
CA GLY A 60 -19.36 22.65 2.84
C GLY A 60 -18.59 23.60 1.94
N LEU A 61 -18.97 23.64 0.67
CA LEU A 61 -18.36 24.53 -0.31
C LEU A 61 -19.06 25.89 -0.33
N GLY A 62 -18.27 26.95 -0.43
CA GLY A 62 -18.80 28.26 -0.73
C GLY A 62 -19.17 28.38 -2.21
N VAL A 63 -19.82 29.49 -2.52
CA VAL A 63 -20.31 29.74 -3.87
C VAL A 63 -19.18 29.93 -4.87
N ASP A 64 -17.98 30.29 -4.41
CA ASP A 64 -16.90 30.42 -5.37
C ASP A 64 -16.22 29.09 -5.69
N GLY A 65 -16.69 27.99 -5.12
CA GLY A 65 -16.07 26.67 -5.31
C GLY A 65 -15.00 26.31 -4.33
N HIS A 66 -14.54 27.27 -3.54
CA HIS A 66 -13.62 27.00 -2.45
C HIS A 66 -14.42 26.52 -1.26
N PRO A 67 -13.76 25.95 -0.25
CA PRO A 67 -14.44 25.65 1.02
C PRO A 67 -15.09 26.90 1.59
N ALA A 68 -16.20 26.70 2.27
CA ALA A 68 -16.97 27.84 2.76
C ALA A 68 -16.15 28.62 3.79
N ARG A 69 -16.37 29.92 3.83
CA ARG A 69 -15.65 30.81 4.73
C ARG A 69 -16.25 30.67 6.13
N GLY A 70 -15.40 30.33 7.10
CA GLY A 70 -15.80 30.23 8.49
C GLY A 70 -15.60 31.54 9.20
N GLY A 71 -14.44 32.15 9.00
CA GLY A 71 -14.24 33.54 9.37
C GLY A 71 -14.83 34.51 8.36
N PHE A 72 -16.16 34.58 8.29
CA PHE A 72 -16.85 35.55 7.44
C PHE A 72 -16.51 36.99 7.84
N ASP A 77 -16.84 37.86 2.85
CA ASP A 77 -17.98 37.01 2.52
C ASP A 77 -18.32 37.07 1.02
N ASP A 78 -18.53 38.28 0.48
CA ASP A 78 -18.74 38.48 -0.93
C ASP A 78 -17.45 38.75 -1.71
N ARG A 79 -16.31 38.81 -1.05
CA ARG A 79 -15.09 39.27 -1.69
C ARG A 79 -14.45 38.16 -2.52
N ASN A 80 -13.73 38.57 -3.56
CA ASN A 80 -12.94 37.67 -4.38
C ASN A 80 -11.73 37.16 -3.60
N ARG A 81 -11.53 35.86 -3.60
CA ARG A 81 -10.33 35.28 -2.99
C ARG A 81 -9.30 35.06 -4.08
N MET A 82 -8.05 35.42 -3.80
CA MET A 82 -6.96 35.26 -4.74
C MET A 82 -5.66 34.78 -4.16
N TRP A 83 -4.99 33.84 -4.85
CA TRP A 83 -3.66 33.35 -4.58
C TRP A 83 -2.69 34.48 -4.88
N ALA A 84 -2.19 35.14 -3.84
CA ALA A 84 -1.44 36.35 -4.08
C ALA A 84 0.04 36.13 -4.33
N GLY A 85 0.64 35.12 -3.72
CA GLY A 85 2.08 34.96 -3.80
C GLY A 85 2.54 33.92 -2.78
N GLY A 86 3.83 33.74 -2.75
CA GLY A 86 4.34 32.80 -1.78
C GLY A 86 5.85 32.80 -1.80
N ARG A 87 6.42 32.08 -0.83
CA ARG A 87 7.85 31.90 -0.65
C ARG A 87 8.12 30.46 -0.27
N LEU A 88 9.13 29.86 -0.87
CA LEU A 88 9.48 28.49 -0.54
C LEU A 88 10.98 28.36 -0.29
N GLU A 89 11.34 27.44 0.59
CA GLU A 89 12.72 27.05 0.87
C GLU A 89 12.90 25.57 0.62
N PHE A 90 13.76 25.18 -0.27
CA PHE A 90 13.92 23.82 -0.73
C PHE A 90 15.09 23.19 0.02
N HIS A 91 14.79 22.22 0.86
CA HIS A 91 15.82 21.53 1.61
C HIS A 91 16.28 20.27 0.91
N GLN A 92 15.34 19.42 0.53
CA GLN A 92 15.64 18.27 -0.30
C GLN A 92 14.36 17.89 -1.07
N PRO A 93 14.50 17.22 -2.21
CA PRO A 93 13.31 16.93 -3.01
C PRO A 93 12.46 15.84 -2.37
N LEU A 94 11.15 16.01 -2.52
CA LEU A 94 10.19 14.96 -2.17
C LEU A 94 10.39 13.80 -3.15
N ARG A 95 10.14 12.56 -2.69
CA ARG A 95 10.33 11.36 -3.52
C ARG A 95 9.00 10.78 -4.02
N VAL A 96 8.90 10.60 -5.33
CA VAL A 96 7.68 10.02 -5.91
C VAL A 96 7.52 8.62 -5.35
N GLY A 97 6.31 8.31 -4.91
CA GLY A 97 5.98 7.04 -4.32
C GLY A 97 6.12 6.95 -2.82
N GLY A 98 6.77 7.95 -2.17
CA GLY A 98 6.90 7.98 -0.75
C GLY A 98 5.73 8.61 -0.03
N GLU A 99 5.64 8.33 1.26
CA GLU A 99 4.70 8.98 2.15
C GLU A 99 5.29 10.33 2.54
N ALA A 100 4.45 11.28 2.92
CA ALA A 100 4.94 12.59 3.32
C ALA A 100 3.92 13.25 4.23
N SER A 101 4.38 14.21 5.01
CA SER A 101 3.46 14.90 5.91
C SER A 101 3.65 16.40 5.77
N ARG A 102 2.54 17.11 5.90
CA ARG A 102 2.53 18.56 5.88
C ARG A 102 2.01 19.08 7.20
N THR A 103 2.82 19.88 7.88
CA THR A 103 2.40 20.58 9.08
C THR A 103 2.11 22.04 8.74
N SER A 104 0.89 22.49 9.01
CA SER A 104 0.42 23.78 8.54
C SER A 104 -0.03 24.67 9.70
N THR A 105 0.16 25.98 9.52
CA THR A 105 -0.39 26.93 10.50
C THR A 105 -0.66 28.25 9.82
N ILE A 106 -1.57 29.02 10.41
CA ILE A 106 -1.79 30.40 9.98
C ILE A 106 -0.71 31.24 10.64
N LEU A 107 0.08 31.91 9.83
CA LEU A 107 1.21 32.69 10.29
C LEU A 107 0.81 34.13 10.62
N ARG A 108 -0.01 34.75 9.78
CA ARG A 108 -0.35 36.14 9.94
C ARG A 108 -1.70 36.41 9.29
N VAL A 109 -2.43 37.34 9.90
CA VAL A 109 -3.70 37.77 9.37
C VAL A 109 -3.79 39.29 9.53
N GLU A 110 -4.23 39.97 8.49
CA GLU A 110 -4.40 41.41 8.51
C GLU A 110 -5.65 41.78 7.73
N GLU A 111 -6.44 42.68 8.31
CA GLU A 111 -7.56 43.30 7.62
C GLU A 111 -7.41 44.81 7.76
N LYS A 112 -7.48 45.48 6.61
CA LYS A 112 -7.35 46.92 6.44
C LYS A 112 -8.66 47.42 5.88
N HIS A 113 -9.25 48.43 6.50
CA HIS A 113 -10.54 48.93 6.03
C HIS A 113 -10.26 50.26 5.32
N GLY A 114 -9.76 50.17 4.11
CA GLY A 114 -9.44 51.34 3.31
C GLY A 114 -10.53 51.80 2.37
N ARG A 115 -10.18 52.79 1.54
CA ARG A 115 -11.16 53.46 0.69
C ARG A 115 -11.68 52.58 -0.45
N SER A 116 -11.03 51.45 -0.73
CA SER A 116 -11.50 50.51 -1.75
C SER A 116 -12.17 49.28 -1.14
N GLY A 117 -12.77 49.44 0.04
CA GLY A 117 -13.32 48.31 0.77
C GLY A 117 -12.30 47.70 1.71
N ALA A 118 -12.75 46.68 2.44
CA ALA A 118 -11.88 45.91 3.32
C ALA A 118 -11.02 44.92 2.55
N LEU A 119 -9.73 44.90 2.87
CA LEU A 119 -8.76 43.97 2.28
C LEU A 119 -8.26 43.06 3.39
N LEU A 120 -8.48 41.74 3.21
CA LEU A 120 -8.03 40.74 4.16
C LEU A 120 -6.84 40.00 3.55
N PHE A 121 -5.73 39.98 4.28
N PHE A 121 -5.72 39.99 4.28
CA PHE A 121 -4.50 39.35 3.84
CA PHE A 121 -4.49 39.36 3.84
C PHE A 121 -4.19 38.23 4.82
C PHE A 121 -4.19 38.24 4.82
N VAL A 122 -3.91 37.04 4.29
CA VAL A 122 -3.66 35.86 5.09
C VAL A 122 -2.37 35.20 4.60
N THR A 123 -1.53 34.77 5.52
CA THR A 123 -0.33 34.03 5.18
C THR A 123 -0.36 32.72 5.94
N LEU A 124 -0.28 31.62 5.20
CA LEU A 124 -0.19 30.28 5.75
C LEU A 124 1.24 29.83 5.66
N ARG A 125 1.65 29.03 6.62
CA ARG A 125 2.95 28.39 6.65
C ARG A 125 2.72 26.89 6.53
N HIS A 126 3.48 26.24 5.65
CA HIS A 126 3.46 24.79 5.50
C HIS A 126 4.87 24.25 5.63
N ASP A 127 5.06 23.19 6.41
CA ASP A 127 6.32 22.46 6.40
C ASP A 127 6.10 21.00 6.03
N TYR A 128 6.88 20.53 5.05
CA TYR A 128 6.69 19.23 4.46
C TYR A 128 7.85 18.34 4.86
N ARG A 129 7.52 17.21 5.50
CA ARG A 129 8.50 16.22 5.97
C ARG A 129 8.31 14.88 5.25
N GLN A 130 9.40 14.21 5.04
CA GLN A 130 9.40 12.86 4.46
C GLN A 130 10.54 12.10 5.11
N ASP A 131 10.25 10.90 5.60
CA ASP A 131 11.26 10.05 6.23
C ASP A 131 12.01 10.80 7.32
N GLY A 132 11.25 11.50 8.18
CA GLY A 132 11.82 12.20 9.32
C GLY A 132 12.77 13.34 9.01
N GLN A 133 12.71 13.89 7.80
CA GLN A 133 13.54 15.01 7.41
C GLN A 133 12.63 16.11 6.90
N LEU A 134 12.98 17.36 7.18
CA LEU A 134 12.27 18.48 6.56
C LEU A 134 12.71 18.62 5.10
N ALA A 135 11.74 18.44 4.19
CA ALA A 135 12.02 18.51 2.78
C ALA A 135 11.80 19.89 2.18
N LEU A 136 10.77 20.59 2.63
CA LEU A 136 10.33 21.81 1.98
C LEU A 136 9.60 22.65 3.01
N SER A 137 9.82 23.96 2.94
CA SER A 137 9.10 24.91 3.78
C SER A 137 8.45 25.94 2.86
N GLU A 138 7.23 26.36 3.20
CA GLU A 138 6.47 27.23 2.33
C GLU A 138 5.64 28.23 3.09
N GLU A 139 5.63 29.45 2.59
CA GLU A 139 4.59 30.41 2.97
C GLU A 139 3.73 30.71 1.76
N HIS A 140 2.43 30.82 1.97
CA HIS A 140 1.44 31.13 0.92
C HIS A 140 0.59 32.31 1.35
N ASP A 141 0.52 33.33 0.48
CA ASP A 141 -0.24 34.55 0.73
C ASP A 141 -1.55 34.51 -0.02
N ILE A 142 -2.64 34.65 0.72
CA ILE A 142 -4.00 34.66 0.18
C ILE A 142 -4.57 36.04 0.46
N VAL A 143 -5.26 36.62 -0.51
CA VAL A 143 -5.92 37.93 -0.37
C VAL A 143 -7.40 37.80 -0.69
N TYR A 144 -8.22 38.47 0.11
CA TYR A 144 -9.63 38.69 -0.18
C TYR A 144 -9.91 40.18 -0.41
N ARG A 145 -10.53 40.47 -1.54
CA ARG A 145 -10.66 41.85 -2.02
C ARG A 145 -11.89 41.94 -2.89
N GLU A 146 -12.50 43.12 -2.89
CA GLU A 146 -13.71 43.35 -3.66
C GLU A 146 -13.40 43.37 -5.16
N PRO A 147 -14.31 42.86 -5.98
CA PRO A 147 -14.03 42.74 -7.42
C PRO A 147 -13.55 44.06 -8.02
N THR A 148 -12.50 43.94 -8.84
CA THR A 148 -11.91 45.08 -9.54
C THR A 148 -12.96 45.95 -10.22
N GLU A 156 4.58 46.49 -15.28
CA GLU A 156 5.72 46.94 -16.09
C GLU A 156 5.76 46.16 -17.43
N ALA A 157 6.52 46.67 -18.40
CA ALA A 157 6.64 45.99 -19.69
C ALA A 157 7.51 44.73 -19.56
N LEU A 158 7.35 43.84 -20.52
CA LEU A 158 8.05 42.56 -20.49
C LEU A 158 9.55 42.75 -20.66
N PRO A 159 10.36 42.55 -19.63
CA PRO A 159 11.79 42.83 -19.75
C PRO A 159 12.47 41.80 -20.66
N GLU A 160 13.69 42.18 -21.07
CA GLU A 160 14.56 41.33 -21.86
C GLU A 160 15.40 40.49 -20.91
N GLY A 161 15.60 39.23 -21.24
CA GLY A 161 16.24 38.32 -20.33
C GLY A 161 17.09 37.29 -21.03
N ASP A 162 17.66 36.39 -20.23
CA ASP A 162 18.55 35.35 -20.72
C ASP A 162 17.81 34.17 -21.31
N TRP A 163 16.54 33.94 -20.93
CA TRP A 163 15.78 32.82 -21.47
C TRP A 163 14.31 33.22 -21.53
N ARG A 164 13.56 32.52 -22.36
CA ARG A 164 12.13 32.79 -22.50
C ARG A 164 11.43 31.57 -23.09
N GLU A 165 10.17 31.40 -22.71
CA GLU A 165 9.33 30.37 -23.28
C GLU A 165 7.95 30.96 -23.55
N ALA A 166 7.40 30.61 -24.71
CA ALA A 166 6.13 31.15 -25.18
C ALA A 166 5.05 30.15 -24.84
N LEU A 167 3.90 30.65 -24.42
CA LEU A 167 2.86 29.75 -23.93
C LEU A 167 1.52 30.26 -24.40
N GLU A 168 0.64 29.34 -24.74
CA GLU A 168 -0.72 29.64 -25.14
C GLU A 168 -1.69 28.90 -24.21
N PRO A 169 -2.28 29.57 -23.23
CA PRO A 169 -3.23 28.86 -22.36
C PRO A 169 -4.53 28.56 -23.09
N ASP A 170 -5.23 27.56 -22.56
CA ASP A 170 -6.53 27.15 -23.08
C ASP A 170 -7.31 26.56 -21.93
N PRO A 171 -8.62 26.43 -22.07
CA PRO A 171 -9.38 25.94 -20.92
C PRO A 171 -9.04 24.53 -20.49
N VAL A 172 -8.58 23.65 -21.38
CA VAL A 172 -8.22 22.31 -20.96
C VAL A 172 -7.04 22.36 -19.99
N LEU A 173 -6.03 23.15 -20.33
CA LEU A 173 -4.89 23.35 -19.45
C LEU A 173 -5.36 23.80 -18.08
N LEU A 174 -6.17 24.85 -18.05
CA LEU A 174 -6.63 25.41 -16.79
C LEU A 174 -7.43 24.38 -16.02
N PHE A 175 -8.34 23.68 -16.72
CA PHE A 175 -9.14 22.65 -16.08
C PHE A 175 -8.22 21.59 -15.46
N ARG A 176 -7.18 21.18 -16.21
CA ARG A 176 -6.33 20.10 -15.77
C ARG A 176 -5.54 20.53 -14.55
N TYR A 177 -5.08 21.79 -14.50
CA TYR A 177 -4.30 22.24 -13.35
C TYR A 177 -5.19 22.31 -12.11
N SER A 178 -6.43 22.77 -12.27
CA SER A 178 -7.40 22.71 -11.18
C SER A 178 -7.68 21.27 -10.73
N ALA A 179 -7.82 20.34 -11.69
CA ALA A 179 -8.03 18.95 -11.39
C ALA A 179 -6.88 18.36 -10.57
N VAL A 180 -5.63 18.57 -10.99
CA VAL A 180 -4.59 17.88 -10.23
C VAL A 180 -4.47 18.49 -8.83
N THR A 181 -4.77 19.78 -8.65
CA THR A 181 -4.78 20.38 -7.34
C THR A 181 -6.12 20.22 -6.66
N PHE A 182 -7.07 19.53 -7.30
CA PHE A 182 -8.45 19.41 -6.85
C PHE A 182 -8.94 20.74 -6.22
N ASN A 183 -8.77 21.80 -6.96
CA ASN A 183 -9.11 23.16 -6.54
C ASN A 183 -10.43 23.50 -7.19
N GLY A 184 -11.47 23.59 -6.39
CA GLY A 184 -12.81 23.87 -6.94
C GLY A 184 -13.07 25.34 -7.31
N HIS A 185 -12.12 26.24 -7.15
CA HIS A 185 -12.40 27.67 -7.37
C HIS A 185 -12.86 27.93 -8.82
N ARG A 186 -14.07 28.46 -8.96
CA ARG A 186 -14.72 28.59 -10.25
C ARG A 186 -14.07 29.56 -11.21
N ILE A 187 -13.16 30.42 -10.75
CA ILE A 187 -12.53 31.36 -11.68
C ILE A 187 -11.64 30.67 -12.71
N HIS A 188 -11.27 29.43 -12.50
CA HIS A 188 -10.38 28.75 -13.43
C HIS A 188 -11.11 27.89 -14.47
N TYR A 189 -12.43 27.77 -14.40
CA TYR A 189 -13.12 26.94 -15.39
C TYR A 189 -14.56 27.35 -15.69
N ASP A 190 -15.17 28.16 -14.83
CA ASP A 190 -16.59 28.53 -14.96
C ASP A 190 -16.70 29.93 -15.55
N TRP A 191 -16.78 29.98 -16.88
CA TRP A 191 -16.66 31.25 -17.60
C TRP A 191 -17.79 32.20 -17.26
N PRO A 192 -19.04 31.77 -17.21
CA PRO A 192 -20.09 32.67 -16.74
C PRO A 192 -19.87 33.17 -15.33
N TYR A 193 -19.29 32.37 -14.45
CA TYR A 193 -19.10 32.83 -13.08
C TYR A 193 -17.95 33.83 -13.02
N VAL A 194 -16.85 33.49 -13.68
CA VAL A 194 -15.65 34.30 -13.51
C VAL A 194 -15.90 35.72 -14.04
N THR A 195 -16.72 35.84 -15.09
CA THR A 195 -17.04 37.15 -15.66
C THR A 195 -18.14 37.84 -14.87
N ASP A 196 -19.34 37.26 -14.88
CA ASP A 196 -20.48 37.91 -14.24
C ASP A 196 -20.30 38.05 -12.74
N ALA A 197 -19.78 37.02 -12.07
CA ALA A 197 -19.86 37.03 -10.61
C ALA A 197 -18.68 37.71 -9.94
N GLU A 198 -17.50 37.64 -10.56
CA GLU A 198 -16.26 38.09 -9.96
C GLU A 198 -15.57 39.15 -10.80
N GLY A 199 -16.11 39.45 -11.99
CA GLY A 199 -15.74 40.62 -12.74
C GLY A 199 -14.44 40.54 -13.48
N TYR A 200 -13.88 39.36 -13.67
CA TYR A 200 -12.74 39.26 -14.55
C TYR A 200 -13.21 39.26 -16.00
N PRO A 201 -12.31 39.49 -16.96
CA PRO A 201 -12.71 39.43 -18.36
C PRO A 201 -12.79 38.03 -18.94
N GLY A 202 -12.37 36.99 -18.21
CA GLY A 202 -12.33 35.62 -18.73
C GLY A 202 -11.71 34.71 -17.67
N LEU A 203 -11.59 33.43 -18.00
CA LEU A 203 -10.94 32.50 -17.09
C LEU A 203 -9.59 33.04 -16.63
N VAL A 204 -9.28 32.82 -15.34
CA VAL A 204 -8.01 33.22 -14.75
C VAL A 204 -6.99 32.08 -14.79
N VAL A 205 -5.82 32.35 -15.34
CA VAL A 205 -4.70 31.44 -15.29
C VAL A 205 -4.08 31.43 -13.89
N HIS A 206 -3.96 30.22 -13.31
CA HIS A 206 -3.69 30.14 -11.89
C HIS A 206 -2.32 30.74 -11.57
N GLY A 207 -2.24 31.51 -10.49
CA GLY A 207 -0.95 31.94 -9.99
C GLY A 207 0.05 30.80 -9.81
N PRO A 208 -0.32 29.74 -9.09
CA PRO A 208 0.63 28.64 -8.90
C PRO A 208 1.05 27.96 -10.19
N LEU A 209 0.14 27.87 -11.17
CA LEU A 209 0.48 27.31 -12.49
C LEU A 209 1.58 28.11 -13.16
N ILE A 210 1.41 29.44 -13.26
CA ILE A 210 2.42 30.24 -13.94
C ILE A 210 3.69 30.35 -13.09
N ALA A 211 3.58 30.29 -11.78
CA ALA A 211 4.76 30.14 -10.95
C ALA A 211 5.52 28.84 -11.27
N THR A 212 4.83 27.74 -11.43
CA THR A 212 5.49 26.49 -11.82
C THR A 212 6.15 26.64 -13.20
N LEU A 213 5.45 27.24 -14.16
CA LEU A 213 6.04 27.49 -15.47
C LEU A 213 7.27 28.40 -15.38
N ALA A 214 7.20 29.46 -14.58
CA ALA A 214 8.33 30.38 -14.48
C ALA A 214 9.53 29.72 -13.84
N LEU A 215 9.31 28.97 -12.76
CA LEU A 215 10.44 28.27 -12.13
C LEU A 215 10.96 27.15 -13.02
N ARG A 216 10.06 26.45 -13.72
CA ARG A 216 10.50 25.38 -14.60
C ARG A 216 11.36 25.89 -15.74
N ALA A 217 11.02 27.04 -16.29
CA ALA A 217 11.83 27.61 -17.35
C ALA A 217 13.18 28.05 -16.83
N PHE A 218 13.23 28.54 -15.58
CA PHE A 218 14.53 28.80 -14.99
C PHE A 218 15.36 27.53 -14.88
N CYS A 219 14.74 26.42 -14.43
CA CYS A 219 15.47 25.18 -14.23
C CYS A 219 15.93 24.60 -15.56
N ARG A 220 15.14 24.79 -16.61
CA ARG A 220 15.55 24.39 -17.96
C ARG A 220 16.78 25.17 -18.41
N ALA A 221 16.76 26.49 -18.23
CA ALA A 221 17.88 27.32 -18.64
C ALA A 221 19.08 27.21 -17.72
N ASN A 222 18.95 26.55 -16.57
CA ASN A 222 20.05 26.38 -15.62
C ASN A 222 19.93 24.98 -15.01
N PRO A 223 20.14 23.94 -15.82
CA PRO A 223 19.91 22.57 -15.32
C PRO A 223 20.83 22.11 -14.23
N GLN A 224 21.98 22.75 -14.04
CA GLN A 224 22.86 22.41 -12.94
C GLN A 224 22.47 23.11 -11.65
N ALA A 225 21.58 24.11 -11.72
CA ALA A 225 21.21 24.87 -10.54
C ALA A 225 20.47 23.95 -9.57
N ARG A 226 20.90 23.99 -8.31
CA ARG A 226 20.22 23.33 -7.20
C ARG A 226 19.40 24.38 -6.47
N LEU A 227 18.07 24.26 -6.58
CA LEU A 227 17.19 25.27 -6.01
C LEU A 227 17.37 25.36 -4.51
N ARG A 228 17.44 26.58 -4.00
CA ARG A 228 17.40 26.78 -2.55
C ARG A 228 16.16 27.56 -2.10
N ARG A 229 15.75 28.57 -2.86
CA ARG A 229 14.64 29.42 -2.47
C ARG A 229 13.93 29.92 -3.72
N PHE A 230 12.64 30.17 -3.59
CA PHE A 230 11.85 30.77 -4.66
C PHE A 230 10.81 31.66 -4.02
N ALA A 231 10.65 32.84 -4.56
CA ALA A 231 9.60 33.75 -4.10
C ALA A 231 8.84 34.20 -5.32
N TYR A 232 7.51 34.33 -5.21
CA TYR A 232 6.69 34.76 -6.36
C TYR A 232 5.57 35.65 -5.85
N ARG A 233 5.17 36.60 -6.69
CA ARG A 233 4.07 37.49 -6.35
C ARG A 233 3.27 37.80 -7.60
N GLY A 234 1.95 37.66 -7.51
CA GLY A 234 1.11 38.09 -8.62
C GLY A 234 1.03 39.61 -8.68
N LEU A 235 1.01 40.12 -9.92
CA LEU A 235 0.94 41.53 -10.23
C LEU A 235 -0.35 41.94 -10.92
N ARG A 236 -0.91 41.10 -11.78
CA ARG A 236 -2.21 41.33 -12.38
C ARG A 236 -2.73 40.00 -12.89
N PRO A 237 -4.05 39.82 -12.96
CA PRO A 237 -4.59 38.54 -13.46
C PRO A 237 -4.17 38.29 -14.89
N LEU A 238 -3.75 37.08 -15.15
CA LEU A 238 -3.59 36.58 -16.50
C LEU A 238 -4.87 35.88 -16.94
N ILE A 239 -5.37 36.29 -18.09
CA ILE A 239 -6.66 35.83 -18.60
C ILE A 239 -6.44 34.89 -19.78
N CYS A 240 -7.14 33.76 -19.75
CA CYS A 240 -7.21 32.79 -20.81
C CYS A 240 -8.14 33.30 -21.90
N PRO A 241 -7.78 33.15 -23.20
CA PRO A 241 -6.64 32.39 -23.74
C PRO A 241 -5.46 33.23 -24.21
N GLU A 242 -5.21 34.37 -23.58
CA GLU A 242 -4.19 35.27 -24.09
C GLU A 242 -2.82 34.62 -24.08
N PRO A 243 -2.12 34.60 -25.21
CA PRO A 243 -0.72 34.12 -25.18
C PRO A 243 0.07 34.93 -24.18
N PHE A 244 1.09 34.30 -23.61
CA PHE A 244 1.97 34.96 -22.64
C PHE A 244 3.28 34.23 -22.74
N GLU A 245 4.28 34.76 -22.04
CA GLU A 245 5.55 34.07 -21.96
C GLU A 245 6.12 34.15 -20.56
N VAL A 246 7.01 33.21 -20.25
CA VAL A 246 7.77 33.23 -19.00
C VAL A 246 9.21 33.56 -19.37
N GLY A 247 9.92 34.17 -18.43
CA GLY A 247 11.36 34.30 -18.64
C GLY A 247 12.02 34.71 -17.35
N GLY A 248 13.30 35.04 -17.48
CA GLY A 248 14.07 35.53 -16.37
C GLY A 248 15.49 35.76 -16.79
N ARG A 249 16.33 36.08 -15.81
CA ARG A 249 17.74 36.36 -16.06
C ARG A 249 18.50 36.20 -14.75
N LEU A 250 19.79 35.89 -14.88
CA LEU A 250 20.64 35.80 -13.70
C LEU A 250 21.05 37.20 -13.27
N LEU A 251 20.97 37.44 -11.96
CA LEU A 251 21.31 38.74 -11.38
C LEU A 251 22.71 38.77 -10.79
N ALA A 252 23.22 37.60 -10.41
CA ALA A 252 24.44 37.43 -9.60
C ALA A 252 24.57 35.92 -9.39
N ALA A 253 25.71 35.52 -8.84
CA ALA A 253 25.97 34.10 -8.62
C ALA A 253 24.91 33.53 -7.68
N GLY A 254 24.21 32.49 -8.15
CA GLY A 254 23.12 31.92 -7.38
C GLY A 254 21.90 32.79 -7.18
N LYS A 255 21.70 33.82 -7.99
CA LYS A 255 20.55 34.71 -7.85
C LYS A 255 19.94 34.92 -9.23
N ALA A 256 18.62 34.75 -9.35
CA ALA A 256 17.93 35.03 -10.62
C ALA A 256 16.57 35.67 -10.35
N GLU A 257 16.07 36.36 -11.34
CA GLU A 257 14.69 36.81 -11.33
C GLU A 257 13.96 36.10 -12.47
N VAL A 258 12.66 35.93 -12.29
CA VAL A 258 11.80 35.31 -13.29
C VAL A 258 10.56 36.17 -13.36
N TRP A 259 9.86 36.09 -14.48
CA TRP A 259 8.65 36.87 -14.69
C TRP A 259 7.76 36.17 -15.70
N VAL A 260 6.49 36.56 -15.69
CA VAL A 260 5.46 36.04 -16.59
C VAL A 260 4.71 37.26 -17.13
N GLY A 261 4.50 37.32 -18.44
CA GLY A 261 3.82 38.50 -18.97
C GLY A 261 3.54 38.38 -20.45
N ASN A 262 2.95 39.44 -20.98
CA ASN A 262 2.70 39.59 -22.40
C ASN A 262 2.69 41.07 -22.75
N GLY A 263 2.32 41.40 -23.97
CA GLY A 263 2.26 42.76 -24.43
C GLY A 263 1.53 43.70 -23.50
N ALA A 264 0.64 43.13 -22.68
CA ALA A 264 -0.13 43.94 -21.74
C ALA A 264 0.59 44.17 -20.42
N GLY A 265 1.80 43.68 -20.26
CA GLY A 265 2.54 43.86 -19.01
C GLY A 265 2.71 42.58 -18.21
N LEU A 266 3.46 42.73 -17.11
CA LEU A 266 3.85 41.59 -16.30
C LEU A 266 2.68 41.12 -15.45
N ALA A 267 2.49 39.81 -15.40
CA ALA A 267 1.44 39.24 -14.56
C ALA A 267 1.95 38.71 -13.23
N GLN A 268 3.23 38.33 -13.18
CA GLN A 268 3.85 37.73 -12.03
C GLN A 268 5.34 37.97 -12.15
N ARG A 269 5.97 38.12 -11.01
CA ARG A 269 7.40 38.15 -10.89
C ARG A 269 7.80 37.18 -9.78
N GLY A 270 9.08 36.83 -9.76
CA GLY A 270 9.59 36.00 -8.69
C GLY A 270 11.09 36.07 -8.63
N ASP A 271 11.62 35.47 -7.57
CA ASP A 271 13.04 35.45 -7.31
C ASP A 271 13.50 34.04 -7.03
N VAL A 272 14.67 33.69 -7.58
CA VAL A 272 15.25 32.37 -7.39
C VAL A 272 16.62 32.52 -6.74
N GLU A 273 16.84 31.78 -5.66
CA GLU A 273 18.18 31.59 -5.10
C GLU A 273 18.59 30.13 -5.25
N PHE A 274 19.83 29.90 -5.64
CA PHE A 274 20.30 28.55 -5.92
C PHE A 274 21.81 28.48 -5.72
N ASP A 275 22.36 27.30 -5.94
CA ASP A 275 23.80 27.08 -5.85
C ASP A 275 24.26 25.88 -6.71
N GLY B 11 8.06 -25.62 -18.41
CA GLY B 11 6.89 -26.04 -19.14
C GLY B 11 5.62 -25.29 -18.75
N ARG B 12 4.90 -25.83 -17.76
CA ARG B 12 3.69 -25.20 -17.27
C ARG B 12 4.04 -24.04 -16.35
N GLN B 13 3.42 -22.90 -16.59
CA GLN B 13 3.65 -21.67 -15.85
C GLN B 13 2.63 -21.52 -14.73
N GLU B 14 3.07 -20.92 -13.63
CA GLU B 14 2.19 -20.56 -12.52
C GLU B 14 2.40 -19.10 -12.14
N GLU B 15 1.32 -18.35 -11.96
CA GLU B 15 1.38 -16.95 -11.55
C GLU B 15 0.86 -16.81 -10.13
N THR B 16 1.65 -16.17 -9.25
CA THR B 16 1.21 -15.82 -7.91
C THR B 16 1.50 -14.36 -7.59
N HIS B 17 0.89 -13.89 -6.50
CA HIS B 17 0.87 -12.47 -6.13
C HIS B 17 1.16 -12.27 -4.65
N ASP B 18 1.84 -11.16 -4.33
CA ASP B 18 2.09 -10.83 -2.93
C ASP B 18 2.20 -9.33 -2.74
N GLN B 19 1.99 -8.89 -1.51
CA GLN B 19 2.31 -7.52 -1.09
C GLN B 19 3.69 -7.55 -0.44
N LEU B 20 4.60 -6.69 -0.87
CA LEU B 20 5.90 -6.56 -0.21
C LEU B 20 5.71 -5.67 1.03
N SER B 21 4.95 -6.22 1.99
CA SER B 21 4.41 -5.45 3.07
C SER B 21 5.50 -5.13 4.09
N ARG B 22 5.40 -3.95 4.67
CA ARG B 22 6.52 -3.45 5.46
C ARG B 22 6.64 -4.18 6.77
N ASN B 23 5.52 -4.74 7.28
CA ASN B 23 5.64 -5.53 8.50
C ASN B 23 6.63 -6.70 8.35
N LEU B 24 6.59 -7.40 7.23
N LEU B 24 6.58 -7.39 7.21
CA LEU B 24 7.59 -8.45 7.08
CA LEU B 24 7.55 -8.45 6.97
C LEU B 24 8.96 -7.88 6.75
C LEU B 24 8.94 -7.86 6.76
N VAL B 25 9.03 -6.76 6.04
CA VAL B 25 10.33 -6.15 5.75
C VAL B 25 11.04 -5.77 7.04
N LYS B 26 10.30 -5.23 8.02
CA LYS B 26 10.90 -4.96 9.32
C LYS B 26 11.61 -6.19 9.90
N ARG B 27 11.00 -7.38 9.73
CA ARG B 27 11.54 -8.60 10.35
C ARG B 27 12.80 -9.04 9.64
N ILE B 28 12.82 -8.95 8.28
CA ILE B 28 14.04 -9.20 7.53
C ILE B 28 15.13 -8.24 7.96
N ALA B 29 14.80 -6.96 8.04
CA ALA B 29 15.81 -5.96 8.40
C ALA B 29 16.43 -6.26 9.77
N ALA B 30 15.61 -6.64 10.76
CA ALA B 30 16.12 -6.98 12.08
C ALA B 30 16.97 -8.22 12.02
N THR B 31 16.57 -9.17 11.17
CA THR B 31 17.38 -10.37 10.99
C THR B 31 18.78 -10.02 10.53
N PHE B 32 18.90 -9.06 9.63
CA PHE B 32 20.20 -8.67 9.07
C PHE B 32 20.84 -7.50 9.79
N GLY B 33 20.16 -6.88 10.74
CA GLY B 33 20.77 -5.76 11.42
C GLY B 33 20.85 -4.55 10.51
N GLU B 34 19.83 -4.34 9.69
N GLU B 34 19.84 -4.36 9.68
CA GLU B 34 19.84 -3.29 8.69
CA GLU B 34 19.84 -3.30 8.67
C GLU B 34 18.64 -2.39 8.92
C GLU B 34 18.66 -2.37 8.93
N LEU B 35 18.67 -1.23 8.26
CA LEU B 35 17.53 -0.32 8.31
C LEU B 35 16.38 -0.91 7.51
N THR B 36 15.15 -0.58 7.94
CA THR B 36 13.95 -0.97 7.21
C THR B 36 13.62 0.13 6.19
N PRO B 37 13.71 -0.13 4.90
CA PRO B 37 13.38 0.95 3.96
C PRO B 37 11.94 1.38 4.16
N ALA B 38 11.67 2.63 3.82
CA ALA B 38 10.36 3.25 3.91
C ALA B 38 9.48 2.80 2.74
N HIS B 39 8.18 3.02 2.88
CA HIS B 39 7.24 2.86 1.80
C HIS B 39 7.72 3.50 0.49
N GLY B 40 7.71 2.70 -0.57
CA GLY B 40 8.16 3.11 -1.86
C GLY B 40 9.63 3.00 -2.13
N GLU B 41 10.44 2.71 -1.11
CA GLU B 41 11.86 2.58 -1.38
C GLU B 41 12.19 1.14 -1.81
N ALA B 42 13.41 0.96 -2.30
CA ALA B 42 13.88 -0.30 -2.80
C ALA B 42 13.85 -1.38 -1.72
N LEU B 43 13.24 -2.52 -2.06
CA LEU B 43 13.44 -3.75 -1.30
C LEU B 43 14.87 -4.20 -1.53
N PRO B 44 15.68 -4.36 -0.48
CA PRO B 44 17.11 -4.64 -0.69
C PRO B 44 17.34 -5.93 -1.45
N PRO B 45 18.50 -6.07 -2.06
CA PRO B 45 18.74 -7.25 -2.92
C PRO B 45 18.52 -8.57 -2.19
N LEU B 46 17.76 -9.45 -2.82
CA LEU B 46 17.50 -10.83 -2.39
C LEU B 46 16.59 -10.91 -1.18
N TRP B 47 16.11 -9.78 -0.62
CA TRP B 47 15.04 -9.86 0.35
C TRP B 47 13.73 -10.32 -0.25
N HIS B 48 13.61 -10.32 -1.57
CA HIS B 48 12.38 -10.83 -2.18
C HIS B 48 12.14 -12.27 -1.80
N TRP B 49 13.17 -12.98 -1.37
CA TRP B 49 12.97 -14.37 -0.97
C TRP B 49 12.13 -14.52 0.30
N ALA B 50 11.85 -13.45 1.04
CA ALA B 50 10.86 -13.53 2.11
C ALA B 50 9.41 -13.59 1.63
N PHE B 51 9.14 -13.28 0.37
CA PHE B 51 7.77 -13.13 -0.10
C PHE B 51 7.39 -14.29 -1.02
N PHE B 52 6.16 -14.20 -1.55
CA PHE B 52 5.62 -15.23 -2.42
C PHE B 52 5.58 -16.59 -1.74
N GLN B 53 5.21 -16.61 -0.46
CA GLN B 53 5.13 -17.88 0.26
C GLN B 53 3.71 -18.43 0.24
N ASP B 54 3.55 -19.67 -0.26
CA ASP B 54 2.26 -20.37 -0.24
C ASP B 54 2.41 -21.65 0.58
N PRO B 55 2.56 -21.53 1.89
CA PRO B 55 2.87 -22.71 2.70
C PRO B 55 1.71 -23.70 2.72
N VAL B 56 2.04 -24.94 3.12
CA VAL B 56 1.02 -25.97 3.22
C VAL B 56 0.85 -26.43 4.66
N GLU B 57 -0.33 -26.98 4.92
CA GLU B 57 -0.66 -27.56 6.22
C GLU B 57 0.26 -28.75 6.48
N ALA B 58 0.37 -29.12 7.77
CA ALA B 58 1.34 -30.12 8.18
C ALA B 58 1.17 -31.44 7.46
N ALA B 59 -0.07 -31.80 7.10
CA ALA B 59 -0.29 -33.05 6.39
C ALA B 59 0.45 -33.08 5.07
N GLY B 60 0.65 -31.91 4.47
CA GLY B 60 1.26 -31.79 3.17
C GLY B 60 2.75 -31.68 3.23
N LEU B 61 3.29 -31.72 4.43
CA LEU B 61 4.71 -31.56 4.64
C LEU B 61 5.39 -32.92 4.60
N GLY B 62 6.67 -32.91 4.29
CA GLY B 62 7.48 -34.09 4.42
C GLY B 62 8.14 -34.14 5.76
N VAL B 63 8.76 -35.29 6.04
CA VAL B 63 9.43 -35.44 7.33
C VAL B 63 10.47 -34.34 7.53
N ASP B 64 11.06 -33.83 6.45
CA ASP B 64 12.11 -32.82 6.61
C ASP B 64 11.57 -31.42 6.85
N GLY B 65 10.24 -31.25 6.88
CA GLY B 65 9.62 -29.97 7.08
C GLY B 65 9.34 -29.20 5.81
N HIS B 66 9.89 -29.63 4.67
CA HIS B 66 9.53 -29.03 3.39
C HIS B 66 8.20 -29.59 2.93
N PRO B 67 7.54 -28.94 1.98
CA PRO B 67 6.32 -29.52 1.40
C PRO B 67 6.61 -30.89 0.79
N ALA B 68 5.61 -31.76 0.84
CA ALA B 68 5.78 -33.16 0.42
C ALA B 68 6.20 -33.28 -1.03
N ARG B 69 7.20 -34.15 -1.27
CA ARG B 69 7.88 -34.30 -2.55
C ARG B 69 7.15 -35.32 -3.43
N GLY B 70 7.64 -35.46 -4.66
CA GLY B 70 7.08 -36.40 -5.61
C GLY B 70 8.00 -37.58 -5.87
N ALA B 76 14.58 -41.32 -4.01
CA ALA B 76 13.89 -40.08 -4.33
C ALA B 76 13.37 -39.48 -3.03
N ASP B 77 12.44 -40.17 -2.36
CA ASP B 77 11.76 -39.61 -1.19
C ASP B 77 12.63 -39.59 0.04
N ASP B 78 13.66 -40.42 0.11
CA ASP B 78 14.57 -40.43 1.25
C ASP B 78 15.69 -39.41 1.13
N ARG B 79 15.82 -38.71 0.01
CA ARG B 79 16.99 -37.89 -0.25
C ARG B 79 16.89 -36.51 0.41
N ASN B 80 18.04 -35.94 0.72
CA ASN B 80 18.12 -34.62 1.33
C ASN B 80 17.94 -33.54 0.26
N ARG B 81 17.06 -32.59 0.52
CA ARG B 81 16.88 -31.47 -0.39
C ARG B 81 17.75 -30.29 0.04
N MET B 82 18.34 -29.63 -0.95
CA MET B 82 19.26 -28.53 -0.71
C MET B 82 19.09 -27.42 -1.74
N TRP B 83 19.18 -26.17 -1.24
CA TRP B 83 19.20 -24.95 -2.05
C TRP B 83 20.60 -24.85 -2.63
N ALA B 84 20.76 -25.22 -3.88
CA ALA B 84 22.08 -25.43 -4.47
C ALA B 84 22.75 -24.19 -5.03
N GLY B 85 22.00 -23.20 -5.48
CA GLY B 85 22.58 -22.08 -6.20
C GLY B 85 21.53 -21.40 -7.06
N GLY B 86 21.95 -20.29 -7.67
CA GLY B 86 21.01 -19.59 -8.51
C GLY B 86 21.65 -18.48 -9.31
N ARG B 87 20.81 -17.91 -10.19
CA ARG B 87 21.18 -16.81 -11.05
C ARG B 87 20.08 -15.76 -11.04
N LEU B 88 20.48 -14.48 -10.94
CA LEU B 88 19.53 -13.40 -10.97
C LEU B 88 19.91 -12.31 -11.96
N GLU B 89 18.87 -11.73 -12.56
CA GLU B 89 19.03 -10.56 -13.41
C GLU B 89 18.14 -9.43 -12.90
N PHE B 90 18.78 -8.31 -12.55
CA PHE B 90 18.13 -7.20 -11.87
C PHE B 90 17.85 -6.09 -12.88
N HIS B 91 16.57 -5.80 -13.11
CA HIS B 91 16.17 -4.70 -13.99
C HIS B 91 15.88 -3.43 -13.20
N GLN B 92 14.92 -3.50 -12.27
CA GLN B 92 14.76 -2.45 -11.26
C GLN B 92 14.34 -3.04 -9.92
N PRO B 93 14.66 -2.37 -8.83
CA PRO B 93 14.32 -2.94 -7.53
C PRO B 93 12.81 -3.06 -7.39
N LEU B 94 12.41 -4.13 -6.70
CA LEU B 94 11.08 -4.21 -6.14
C LEU B 94 10.98 -3.14 -5.06
N ARG B 95 9.76 -2.69 -4.77
CA ARG B 95 9.55 -1.54 -3.90
C ARG B 95 8.68 -1.89 -2.71
N VAL B 96 9.15 -1.49 -1.52
CA VAL B 96 8.45 -1.79 -0.29
C VAL B 96 7.08 -1.19 -0.33
N GLY B 97 6.10 -1.96 0.12
CA GLY B 97 4.73 -1.50 0.24
C GLY B 97 3.89 -1.74 -0.99
N GLY B 98 4.54 -2.08 -2.12
CA GLY B 98 3.83 -2.40 -3.34
C GLY B 98 3.53 -3.89 -3.51
N GLU B 99 2.57 -4.18 -4.38
CA GLU B 99 2.26 -5.54 -4.80
C GLU B 99 3.22 -5.96 -5.90
N ALA B 100 3.31 -7.27 -6.10
CA ALA B 100 4.18 -7.79 -7.13
C ALA B 100 3.60 -9.13 -7.55
N SER B 101 3.86 -9.51 -8.79
CA SER B 101 3.50 -10.84 -9.26
C SER B 101 4.75 -11.64 -9.58
N ARG B 102 4.69 -12.95 -9.29
CA ARG B 102 5.76 -13.87 -9.64
C ARG B 102 5.20 -14.90 -10.63
N THR B 103 5.82 -15.00 -11.78
CA THR B 103 5.45 -16.00 -12.77
C THR B 103 6.56 -17.06 -12.78
N SER B 104 6.19 -18.31 -12.57
CA SER B 104 7.19 -19.34 -12.27
C SER B 104 7.06 -20.54 -13.19
N THR B 105 8.21 -21.16 -13.51
CA THR B 105 8.19 -22.38 -14.31
C THR B 105 9.36 -23.30 -14.00
N ILE B 106 9.12 -24.60 -14.14
CA ILE B 106 10.17 -25.62 -14.12
C ILE B 106 10.94 -25.52 -15.42
N LEU B 107 12.18 -25.04 -15.35
CA LEU B 107 13.02 -24.89 -16.51
C LEU B 107 13.67 -26.20 -16.94
N ARG B 108 14.16 -26.98 -15.98
CA ARG B 108 14.88 -28.20 -16.33
C ARG B 108 14.98 -29.11 -15.13
N VAL B 109 15.01 -30.40 -15.44
CA VAL B 109 15.27 -31.44 -14.47
C VAL B 109 16.32 -32.36 -15.04
N GLU B 110 17.29 -32.73 -14.20
CA GLU B 110 18.34 -33.66 -14.62
C GLU B 110 18.63 -34.61 -13.48
N GLU B 111 18.65 -35.90 -13.77
CA GLU B 111 19.10 -36.90 -12.82
C GLU B 111 20.35 -37.54 -13.40
N LYS B 112 21.44 -37.48 -12.65
CA LYS B 112 22.76 -37.91 -13.06
C LYS B 112 23.51 -38.37 -11.81
N HIS B 113 24.56 -39.14 -12.03
CA HIS B 113 25.36 -39.67 -10.93
C HIS B 113 26.32 -38.61 -10.42
N GLY B 114 26.43 -38.53 -9.09
CA GLY B 114 27.46 -37.72 -8.48
C GLY B 114 28.30 -38.55 -7.52
N ARG B 115 29.35 -37.91 -7.01
CA ARG B 115 30.19 -38.55 -6.00
C ARG B 115 29.35 -39.12 -4.86
N SER B 116 28.24 -38.43 -4.50
CA SER B 116 27.36 -38.92 -3.44
C SER B 116 26.77 -40.26 -3.77
N GLY B 117 26.30 -40.41 -4.98
CA GLY B 117 25.22 -41.29 -5.37
C GLY B 117 24.37 -40.58 -6.40
N ALA B 118 23.10 -40.96 -6.55
CA ALA B 118 22.25 -40.32 -7.53
C ALA B 118 21.84 -38.90 -7.08
N LEU B 119 21.93 -37.96 -8.02
CA LEU B 119 21.62 -36.57 -7.80
C LEU B 119 20.50 -36.16 -8.74
N LEU B 120 19.53 -35.41 -8.21
CA LEU B 120 18.45 -34.84 -9.01
C LEU B 120 18.52 -33.33 -8.90
N PHE B 121 18.72 -32.68 -10.03
CA PHE B 121 18.83 -31.24 -10.12
C PHE B 121 17.57 -30.69 -10.76
N VAL B 122 16.94 -29.74 -10.08
CA VAL B 122 15.75 -29.06 -10.55
C VAL B 122 16.07 -27.57 -10.63
N THR B 123 15.86 -26.98 -11.79
CA THR B 123 15.98 -25.54 -11.94
C THR B 123 14.60 -24.94 -12.16
N LEU B 124 14.26 -23.99 -11.29
CA LEU B 124 13.07 -23.17 -11.39
C LEU B 124 13.41 -21.83 -12.02
N ARG B 125 12.46 -21.27 -12.76
CA ARG B 125 12.61 -19.95 -13.34
C ARG B 125 11.51 -19.07 -12.77
N HIS B 126 11.91 -17.93 -12.20
CA HIS B 126 10.96 -16.97 -11.67
C HIS B 126 11.10 -15.61 -12.33
N ASP B 127 9.98 -15.00 -12.71
CA ASP B 127 9.96 -13.63 -13.18
C ASP B 127 9.06 -12.76 -12.32
N TYR B 128 9.60 -11.66 -11.81
CA TYR B 128 8.90 -10.81 -10.86
C TYR B 128 8.51 -9.49 -11.52
N ARG B 129 7.23 -9.14 -11.45
CA ARG B 129 6.74 -7.90 -12.03
C ARG B 129 6.06 -7.06 -10.98
N GLN B 130 6.14 -5.75 -11.17
CA GLN B 130 5.50 -4.76 -10.33
C GLN B 130 5.12 -3.58 -11.22
N ASP B 131 3.88 -3.12 -11.12
CA ASP B 131 3.41 -1.97 -11.91
C ASP B 131 3.52 -2.27 -13.40
N GLY B 132 3.44 -3.55 -13.76
CA GLY B 132 3.49 -3.93 -15.16
C GLY B 132 4.87 -4.01 -15.78
N GLN B 133 5.92 -3.78 -15.02
CA GLN B 133 7.28 -3.84 -15.52
C GLN B 133 7.99 -5.06 -14.91
N LEU B 134 8.88 -5.67 -15.68
CA LEU B 134 9.73 -6.73 -15.17
C LEU B 134 10.79 -6.15 -14.26
N ALA B 135 10.75 -6.54 -12.98
CA ALA B 135 11.71 -6.00 -12.02
C ALA B 135 12.96 -6.86 -11.91
N LEU B 136 12.77 -8.17 -11.96
CA LEU B 136 13.76 -9.15 -11.52
C LEU B 136 13.46 -10.45 -12.23
N SER B 137 14.50 -11.11 -12.73
CA SER B 137 14.36 -12.49 -13.18
C SER B 137 15.34 -13.38 -12.42
N GLU B 138 14.92 -14.61 -12.15
CA GLU B 138 15.68 -15.54 -11.33
C GLU B 138 15.61 -16.98 -11.83
N GLU B 139 16.74 -17.68 -11.72
CA GLU B 139 16.79 -19.14 -11.77
C GLU B 139 17.31 -19.64 -10.43
N HIS B 140 16.70 -20.71 -9.94
CA HIS B 140 17.00 -21.28 -8.63
C HIS B 140 17.26 -22.76 -8.85
N ASP B 141 18.45 -23.21 -8.47
CA ASP B 141 18.84 -24.61 -8.61
C ASP B 141 18.62 -25.32 -7.29
N ILE B 142 17.77 -26.36 -7.31
CA ILE B 142 17.55 -27.24 -6.17
C ILE B 142 18.12 -28.63 -6.48
N VAL B 143 18.78 -29.22 -5.49
CA VAL B 143 19.34 -30.56 -5.66
C VAL B 143 18.84 -31.48 -4.55
N TYR B 144 18.58 -32.73 -4.93
CA TYR B 144 18.21 -33.82 -4.02
C TYR B 144 19.29 -34.88 -4.04
N ARG B 145 19.80 -35.26 -2.87
CA ARG B 145 20.93 -36.19 -2.79
C ARG B 145 20.67 -37.24 -1.73
N GLU B 146 21.36 -38.39 -1.88
CA GLU B 146 21.23 -39.48 -0.91
C GLU B 146 21.79 -39.03 0.44
N PRO B 147 21.16 -39.51 1.55
CA PRO B 147 21.54 -38.98 2.88
C PRO B 147 22.90 -39.42 3.41
N THR B 148 23.91 -39.36 2.57
CA THR B 148 25.27 -39.74 2.93
C THR B 148 25.91 -38.61 3.73
N PRO B 149 27.14 -38.81 4.22
CA PRO B 149 27.81 -37.76 5.01
C PRO B 149 28.03 -36.49 4.19
N PRO B 150 27.84 -35.33 4.80
CA PRO B 150 28.01 -34.07 4.07
C PRO B 150 29.48 -33.64 3.92
N LYS B 151 29.70 -32.80 2.90
CA LYS B 151 31.01 -32.25 2.62
C LYS B 151 31.46 -31.33 3.77
N LEU B 152 32.68 -31.53 4.26
CA LEU B 152 33.19 -30.75 5.38
C LEU B 152 34.23 -29.71 4.96
N GLY B 153 34.77 -29.81 3.74
CA GLY B 153 35.76 -28.85 3.32
C GLY B 153 36.18 -29.04 1.88
N GLY B 154 37.49 -28.99 1.62
CA GLY B 154 38.02 -29.09 0.28
C GLY B 154 37.69 -27.85 -0.51
N THR B 155 36.88 -28.01 -1.57
CA THR B 155 36.38 -26.94 -2.42
C THR B 155 37.42 -25.91 -2.88
N GLU B 156 37.85 -25.03 -1.97
CA GLU B 156 38.70 -23.88 -2.28
C GLU B 156 39.16 -23.25 -0.97
N ALA B 157 40.34 -22.65 -0.97
CA ALA B 157 40.74 -21.90 0.21
C ALA B 157 40.06 -20.52 0.22
N LEU B 158 40.03 -19.92 1.42
CA LEU B 158 39.44 -18.59 1.61
C LEU B 158 40.35 -17.51 1.06
N PRO B 159 40.00 -16.87 -0.06
CA PRO B 159 40.91 -15.87 -0.61
C PRO B 159 40.79 -14.54 0.14
N GLU B 160 41.79 -13.69 -0.10
CA GLU B 160 41.84 -12.33 0.41
C GLU B 160 41.50 -11.38 -0.74
N GLY B 161 40.56 -10.49 -0.51
CA GLY B 161 40.08 -9.64 -1.57
C GLY B 161 40.13 -8.17 -1.19
N ASP B 162 39.24 -7.40 -1.82
CA ASP B 162 39.16 -5.97 -1.60
C ASP B 162 38.32 -5.62 -0.38
N TRP B 163 37.44 -6.52 0.06
CA TRP B 163 36.64 -6.24 1.24
C TRP B 163 36.35 -7.56 1.93
N ARG B 164 35.99 -7.48 3.20
CA ARG B 164 35.60 -8.66 3.98
C ARG B 164 34.74 -8.23 5.16
N GLU B 165 33.83 -9.12 5.56
CA GLU B 165 33.02 -8.96 6.76
C GLU B 165 33.03 -10.28 7.52
N ALA B 166 33.19 -10.19 8.84
CA ALA B 166 33.22 -11.35 9.73
C ALA B 166 31.84 -11.59 10.33
N LEU B 167 31.39 -12.83 10.30
CA LEU B 167 30.06 -13.19 10.78
C LEU B 167 30.23 -14.32 11.77
N GLU B 168 29.36 -14.33 12.77
CA GLU B 168 29.32 -15.36 13.80
C GLU B 168 27.88 -15.81 13.84
N PRO B 169 27.51 -16.87 13.11
CA PRO B 169 26.10 -17.31 13.13
C PRO B 169 25.71 -17.82 14.51
N ASP B 170 24.40 -17.86 14.75
CA ASP B 170 23.86 -18.48 15.96
C ASP B 170 22.44 -18.93 15.66
N PRO B 171 21.85 -19.76 16.53
CA PRO B 171 20.54 -20.32 16.19
C PRO B 171 19.45 -19.27 16.05
N VAL B 172 19.59 -18.11 16.67
CA VAL B 172 18.55 -17.11 16.56
C VAL B 172 18.56 -16.53 15.15
N LEU B 173 19.75 -16.22 14.63
CA LEU B 173 19.88 -15.72 13.26
C LEU B 173 19.25 -16.71 12.29
N LEU B 174 19.60 -17.97 12.44
CA LEU B 174 19.10 -19.01 11.55
C LEU B 174 17.60 -19.15 11.67
N PHE B 175 17.10 -19.22 12.90
CA PHE B 175 15.66 -19.30 13.11
C PHE B 175 14.97 -18.14 12.36
N ARG B 176 15.50 -16.92 12.54
CA ARG B 176 14.82 -15.73 12.01
C ARG B 176 14.80 -15.74 10.47
N TYR B 177 15.91 -16.11 9.82
CA TYR B 177 15.89 -16.20 8.36
C TYR B 177 14.88 -17.24 7.92
N SER B 178 14.82 -18.40 8.59
CA SER B 178 13.79 -19.37 8.25
C SER B 178 12.40 -18.79 8.48
N ALA B 179 12.25 -18.05 9.58
CA ALA B 179 10.97 -17.44 9.88
C ALA B 179 10.58 -16.44 8.80
N VAL B 180 11.52 -15.61 8.32
CA VAL B 180 11.02 -14.58 7.40
C VAL B 180 10.68 -15.21 6.06
N THR B 181 11.38 -16.28 5.70
CA THR B 181 11.06 -17.03 4.50
C THR B 181 10.01 -18.11 4.73
N PHE B 182 9.51 -18.22 5.95
CA PHE B 182 8.59 -19.25 6.40
C PHE B 182 8.94 -20.64 5.84
N ASN B 183 10.19 -20.99 6.03
CA ASN B 183 10.79 -22.23 5.52
C ASN B 183 10.80 -23.27 6.63
N GLY B 184 9.95 -24.27 6.53
CA GLY B 184 9.93 -25.30 7.55
C GLY B 184 11.08 -26.31 7.53
N HIS B 185 12.05 -26.17 6.63
CA HIS B 185 13.13 -27.16 6.54
C HIS B 185 13.93 -27.29 7.84
N ARG B 186 13.87 -28.46 8.45
CA ARG B 186 14.35 -28.64 9.82
C ARG B 186 15.85 -28.55 9.96
N ILE B 187 16.62 -28.58 8.87
CA ILE B 187 18.07 -28.52 9.00
C ILE B 187 18.55 -27.19 9.54
N HIS B 188 17.70 -26.15 9.50
CA HIS B 188 18.16 -24.84 9.95
C HIS B 188 17.77 -24.53 11.39
N TYR B 189 16.95 -25.36 12.05
CA TYR B 189 16.59 -25.09 13.43
C TYR B 189 16.44 -26.29 14.36
N ASP B 190 16.26 -27.53 13.85
CA ASP B 190 15.95 -28.72 14.63
C ASP B 190 17.24 -29.52 14.81
N TRP B 191 18.00 -29.19 15.84
CA TRP B 191 19.35 -29.75 15.98
C TRP B 191 19.34 -31.28 16.05
N PRO B 192 18.52 -31.91 16.88
CA PRO B 192 18.49 -33.39 16.88
C PRO B 192 18.22 -33.93 15.49
N TYR B 193 17.33 -33.30 14.76
CA TYR B 193 16.98 -33.81 13.45
C TYR B 193 18.16 -33.68 12.47
N VAL B 194 18.80 -32.51 12.44
CA VAL B 194 19.80 -32.22 11.40
C VAL B 194 20.97 -33.18 11.53
N THR B 195 21.35 -33.49 12.77
CA THR B 195 22.39 -34.47 13.08
C THR B 195 21.92 -35.90 12.85
N ASP B 196 21.05 -36.41 13.72
CA ASP B 196 20.68 -37.83 13.71
C ASP B 196 20.08 -38.24 12.37
N ALA B 197 19.20 -37.41 11.80
CA ALA B 197 18.46 -37.87 10.63
C ALA B 197 19.11 -37.55 9.28
N GLU B 198 19.68 -36.35 9.12
CA GLU B 198 20.24 -35.95 7.82
C GLU B 198 21.76 -35.96 7.79
N GLY B 199 22.42 -36.14 8.93
CA GLY B 199 23.82 -36.49 8.98
C GLY B 199 24.78 -35.33 9.18
N TYR B 200 24.27 -34.13 9.36
CA TYR B 200 25.14 -32.97 9.47
C TYR B 200 25.73 -32.90 10.87
N PRO B 201 26.86 -32.20 11.04
CA PRO B 201 27.37 -31.97 12.40
C PRO B 201 26.59 -30.94 13.20
N GLY B 202 25.62 -30.25 12.61
CA GLY B 202 24.94 -29.18 13.30
C GLY B 202 23.99 -28.48 12.34
N LEU B 203 23.40 -27.40 12.84
CA LEU B 203 22.49 -26.59 12.02
C LEU B 203 23.22 -26.07 10.80
N VAL B 204 22.50 -26.00 9.68
CA VAL B 204 23.03 -25.48 8.42
C VAL B 204 22.64 -24.03 8.24
N VAL B 205 23.64 -23.18 8.02
CA VAL B 205 23.42 -21.81 7.58
C VAL B 205 22.88 -21.82 6.16
N HIS B 206 21.72 -21.19 5.97
CA HIS B 206 21.05 -21.29 4.68
C HIS B 206 21.92 -20.77 3.52
N GLY B 207 21.87 -21.46 2.40
CA GLY B 207 22.49 -20.97 1.20
C GLY B 207 22.05 -19.56 0.84
N PRO B 208 20.74 -19.32 0.74
CA PRO B 208 20.28 -17.98 0.40
C PRO B 208 20.64 -16.93 1.45
N LEU B 209 20.73 -17.32 2.73
CA LEU B 209 21.12 -16.35 3.74
C LEU B 209 22.54 -15.86 3.47
N ILE B 210 23.47 -16.78 3.24
CA ILE B 210 24.85 -16.34 3.05
C ILE B 210 25.04 -15.72 1.70
N ALA B 211 24.24 -16.11 0.67
CA ALA B 211 24.26 -15.39 -0.59
C ALA B 211 23.86 -13.93 -0.38
N THR B 212 22.84 -13.69 0.45
CA THR B 212 22.41 -12.33 0.74
C THR B 212 23.50 -11.55 1.46
N LEU B 213 24.20 -12.21 2.41
CA LEU B 213 25.32 -11.57 3.09
C LEU B 213 26.44 -11.23 2.13
N ALA B 214 26.81 -12.17 1.27
CA ALA B 214 27.86 -11.95 0.28
C ALA B 214 27.56 -10.78 -0.66
N LEU B 215 26.35 -10.75 -1.23
CA LEU B 215 25.98 -9.65 -2.12
C LEU B 215 25.90 -8.33 -1.34
N ARG B 216 25.37 -8.37 -0.12
CA ARG B 216 25.30 -7.13 0.65
C ARG B 216 26.70 -6.59 0.94
N ALA B 217 27.66 -7.46 1.29
CA ALA B 217 29.01 -6.95 1.52
C ALA B 217 29.57 -6.30 0.26
N PHE B 218 29.23 -6.82 -0.93
CA PHE B 218 29.68 -6.20 -2.15
C PHE B 218 29.08 -4.81 -2.32
N CYS B 219 27.76 -4.67 -2.06
CA CYS B 219 27.11 -3.37 -2.20
C CYS B 219 27.68 -2.36 -1.22
N ARG B 220 27.93 -2.77 0.02
CA ARG B 220 28.48 -1.85 1.00
C ARG B 220 29.85 -1.35 0.57
N ALA B 221 30.67 -2.23 0.01
CA ALA B 221 31.99 -1.85 -0.43
C ALA B 221 31.97 -1.07 -1.74
N ASN B 222 30.85 -1.09 -2.46
CA ASN B 222 30.75 -0.48 -3.79
C ASN B 222 29.39 0.16 -3.87
N PRO B 223 29.18 1.25 -3.10
CA PRO B 223 27.83 1.80 -2.97
C PRO B 223 27.32 2.54 -4.19
N GLN B 224 28.18 2.93 -5.12
CA GLN B 224 27.73 3.55 -6.36
C GLN B 224 27.36 2.51 -7.41
N ALA B 225 27.52 1.23 -7.12
CA ALA B 225 27.30 0.18 -8.10
C ALA B 225 25.82 -0.12 -8.20
N ARG B 226 25.31 -0.24 -9.44
CA ARG B 226 23.93 -0.63 -9.70
C ARG B 226 23.92 -2.07 -10.19
N LEU B 227 23.32 -2.97 -9.42
CA LEU B 227 23.41 -4.38 -9.73
C LEU B 227 22.69 -4.72 -11.03
N ARG B 228 23.29 -5.60 -11.81
CA ARG B 228 22.72 -6.10 -13.06
C ARG B 228 22.56 -7.61 -13.06
N ARG B 229 23.53 -8.34 -12.52
CA ARG B 229 23.37 -9.79 -12.43
C ARG B 229 24.14 -10.28 -11.23
N PHE B 230 23.71 -11.44 -10.72
CA PHE B 230 24.35 -12.14 -9.61
C PHE B 230 24.10 -13.62 -9.83
N ALA B 231 25.17 -14.40 -9.80
CA ALA B 231 25.10 -15.86 -9.80
C ALA B 231 25.81 -16.33 -8.52
N TYR B 232 25.24 -17.33 -7.86
CA TYR B 232 25.82 -17.90 -6.64
C TYR B 232 25.73 -19.43 -6.70
N ARG B 233 26.72 -20.12 -6.12
CA ARG B 233 26.70 -21.58 -6.10
C ARG B 233 27.28 -22.11 -4.81
N GLY B 234 26.56 -23.04 -4.18
CA GLY B 234 27.02 -23.64 -2.95
C GLY B 234 28.09 -24.67 -3.25
N LEU B 235 29.12 -24.68 -2.42
CA LEU B 235 30.24 -25.60 -2.49
C LEU B 235 30.26 -26.62 -1.35
N ARG B 236 29.90 -26.21 -0.14
CA ARG B 236 29.83 -27.11 1.01
C ARG B 236 28.92 -26.47 2.04
N PRO B 237 28.34 -27.26 2.95
CA PRO B 237 27.43 -26.65 3.92
C PRO B 237 28.17 -25.88 5.01
N LEU B 238 27.70 -24.68 5.35
CA LEU B 238 28.19 -24.00 6.53
C LEU B 238 27.40 -24.41 7.76
N ILE B 239 28.10 -24.66 8.86
CA ILE B 239 27.49 -25.26 10.04
C ILE B 239 27.56 -24.26 11.19
N CYS B 240 26.41 -24.04 11.85
CA CYS B 240 26.30 -23.13 12.98
C CYS B 240 26.94 -23.76 14.22
N PRO B 241 27.64 -23.00 15.05
CA PRO B 241 27.88 -21.54 15.09
C PRO B 241 29.27 -21.20 14.60
N GLU B 242 29.83 -22.04 13.76
CA GLU B 242 31.18 -21.85 13.25
C GLU B 242 31.36 -20.46 12.65
N PRO B 243 32.30 -19.66 13.13
CA PRO B 243 32.49 -18.33 12.54
C PRO B 243 32.88 -18.42 11.09
N PHE B 244 32.50 -17.39 10.33
CA PHE B 244 32.88 -17.38 8.92
C PHE B 244 32.96 -15.95 8.44
N GLU B 245 33.43 -15.80 7.20
CA GLU B 245 33.51 -14.46 6.65
C GLU B 245 33.08 -14.45 5.20
N VAL B 246 32.58 -13.29 4.83
CA VAL B 246 32.11 -12.97 3.51
C VAL B 246 33.10 -12.01 2.91
N GLY B 247 33.43 -12.20 1.64
CA GLY B 247 34.24 -11.22 0.95
C GLY B 247 34.10 -11.30 -0.55
N GLY B 248 34.98 -10.58 -1.23
CA GLY B 248 34.99 -10.56 -2.69
C GLY B 248 36.04 -9.58 -3.18
N ARG B 249 36.09 -9.43 -4.50
CA ARG B 249 37.01 -8.50 -5.15
C ARG B 249 36.50 -8.04 -6.51
N LEU B 250 36.91 -6.84 -6.90
CA LEU B 250 36.64 -6.36 -8.25
C LEU B 250 37.51 -7.10 -9.24
N LEU B 251 36.91 -7.48 -10.38
CA LEU B 251 37.64 -8.21 -11.40
C LEU B 251 37.87 -7.42 -12.69
N ALA B 252 37.05 -6.42 -12.97
CA ALA B 252 37.00 -5.72 -14.25
C ALA B 252 35.86 -4.71 -14.12
N ALA B 253 35.87 -3.70 -14.99
CA ALA B 253 34.81 -2.70 -14.97
C ALA B 253 33.48 -3.44 -14.92
N GLY B 254 32.68 -3.19 -13.89
CA GLY B 254 31.36 -3.79 -13.81
C GLY B 254 31.31 -5.27 -13.50
N LYS B 255 32.39 -5.83 -12.99
CA LYS B 255 32.45 -7.27 -12.76
C LYS B 255 33.13 -7.50 -11.43
N ALA B 256 32.56 -8.37 -10.60
CA ALA B 256 33.19 -8.74 -9.33
C ALA B 256 32.85 -10.18 -8.97
N GLU B 257 33.64 -10.73 -8.08
CA GLU B 257 33.37 -12.04 -7.49
C GLU B 257 33.22 -11.90 -5.99
N VAL B 258 32.40 -12.79 -5.40
CA VAL B 258 32.16 -12.84 -3.97
C VAL B 258 32.30 -14.29 -3.51
N TRP B 259 32.52 -14.45 -2.21
CA TRP B 259 32.73 -15.77 -1.64
C TRP B 259 32.36 -15.74 -0.17
N VAL B 260 32.10 -16.93 0.36
CA VAL B 260 31.82 -17.13 1.78
C VAL B 260 32.62 -18.34 2.23
N GLY B 261 33.33 -18.22 3.33
CA GLY B 261 34.05 -19.38 3.84
C GLY B 261 34.78 -19.07 5.12
N ASN B 262 35.66 -20.00 5.49
CA ASN B 262 36.45 -19.87 6.71
C ASN B 262 37.69 -20.77 6.58
N GLY B 263 38.21 -21.25 7.72
CA GLY B 263 39.42 -22.07 7.69
C GLY B 263 39.28 -23.33 6.87
N ALA B 264 38.10 -23.98 6.93
CA ALA B 264 37.91 -25.23 6.22
C ALA B 264 37.89 -25.04 4.71
N GLY B 265 37.61 -23.82 4.24
CA GLY B 265 37.49 -23.51 2.83
C GLY B 265 36.25 -22.71 2.54
N LEU B 266 36.06 -22.44 1.24
CA LEU B 266 34.86 -21.72 0.83
C LEU B 266 33.64 -22.62 0.96
N ALA B 267 32.52 -22.05 1.40
CA ALA B 267 31.24 -22.73 1.34
C ALA B 267 30.36 -22.23 0.20
N GLN B 268 30.62 -21.05 -0.36
CA GLN B 268 29.87 -20.49 -1.46
C GLN B 268 30.74 -19.53 -2.26
N ARG B 269 30.49 -19.46 -3.57
CA ARG B 269 31.09 -18.46 -4.44
C ARG B 269 29.99 -17.79 -5.27
N GLY B 270 30.26 -16.55 -5.67
CA GLY B 270 29.31 -15.84 -6.50
C GLY B 270 30.01 -14.94 -7.50
N ASP B 271 29.23 -14.49 -8.50
CA ASP B 271 29.69 -13.52 -9.49
C ASP B 271 28.67 -12.40 -9.63
N VAL B 272 29.15 -11.16 -9.65
CA VAL B 272 28.31 -9.97 -9.70
C VAL B 272 28.66 -9.18 -10.94
N GLU B 273 27.64 -8.75 -11.68
CA GLU B 273 27.81 -7.76 -12.73
C GLU B 273 26.99 -6.55 -12.38
N PHE B 274 27.56 -5.36 -12.60
CA PHE B 274 26.92 -4.11 -12.23
C PHE B 274 27.32 -3.00 -13.20
N ASP B 275 26.57 -1.88 -13.10
CA ASP B 275 26.60 -0.81 -14.10
C ASP B 275 27.71 0.23 -13.89
N ARG C 12 -4.01 -5.68 -30.06
CA ARG C 12 -5.37 -5.52 -29.54
C ARG C 12 -5.44 -5.30 -28.03
N GLN C 13 -5.13 -6.33 -27.24
CA GLN C 13 -5.27 -6.27 -25.79
C GLN C 13 -4.20 -5.39 -25.15
N GLU C 14 -4.61 -4.63 -24.12
CA GLU C 14 -3.71 -3.77 -23.36
C GLU C 14 -3.94 -3.92 -21.87
N GLU C 15 -2.86 -4.12 -21.13
CA GLU C 15 -2.90 -4.26 -19.68
C GLU C 15 -2.28 -3.03 -19.04
N THR C 16 -3.05 -2.35 -18.18
CA THR C 16 -2.47 -1.27 -17.38
C THR C 16 -2.65 -1.54 -15.89
N HIS C 17 -1.95 -0.74 -15.06
CA HIS C 17 -1.95 -0.92 -13.62
C HIS C 17 -2.11 0.41 -12.90
N ASP C 18 -2.65 0.37 -11.67
CA ASP C 18 -2.87 1.55 -10.87
C ASP C 18 -2.88 1.16 -9.39
N GLN C 19 -2.60 2.12 -8.53
CA GLN C 19 -2.93 1.97 -7.12
C GLN C 19 -4.26 2.68 -6.87
N LEU C 20 -5.15 2.05 -6.12
CA LEU C 20 -6.43 2.66 -5.78
C LEU C 20 -6.20 3.53 -4.54
N SER C 21 -5.36 4.57 -4.72
CA SER C 21 -4.80 5.24 -3.56
C SER C 21 -5.86 6.07 -2.88
N ARG C 22 -5.72 6.16 -1.56
CA ARG C 22 -6.71 6.85 -0.75
C ARG C 22 -6.74 8.33 -1.04
N ASN C 23 -5.62 8.95 -1.44
CA ASN C 23 -5.68 10.38 -1.73
C ASN C 23 -6.73 10.68 -2.81
N LEU C 24 -6.77 9.88 -3.88
N LEU C 24 -6.76 9.87 -3.87
CA LEU C 24 -7.77 10.14 -4.90
CA LEU C 24 -7.74 10.06 -4.93
C LEU C 24 -9.14 9.67 -4.46
C LEU C 24 -9.13 9.69 -4.44
N VAL C 25 -9.23 8.60 -3.68
CA VAL C 25 -10.52 8.19 -3.16
C VAL C 25 -11.13 9.30 -2.34
N LYS C 26 -10.30 10.01 -1.56
CA LYS C 26 -10.88 11.13 -0.80
C LYS C 26 -11.57 12.14 -1.71
N ARG C 27 -11.00 12.42 -2.88
CA ARG C 27 -11.53 13.44 -3.78
C ARG C 27 -12.83 12.98 -4.41
N ILE C 28 -12.95 11.69 -4.76
CA ILE C 28 -14.22 11.15 -5.23
C ILE C 28 -15.26 11.22 -4.14
N ALA C 29 -14.89 10.79 -2.95
CA ALA C 29 -15.86 10.83 -1.85
C ALA C 29 -16.39 12.24 -1.61
N ALA C 30 -15.51 13.23 -1.59
CA ALA C 30 -15.94 14.60 -1.38
C ALA C 30 -16.86 15.06 -2.50
N THR C 31 -16.53 14.71 -3.76
CA THR C 31 -17.38 15.00 -4.92
C THR C 31 -18.81 14.52 -4.67
N PHE C 32 -18.97 13.28 -4.24
CA PHE C 32 -20.29 12.70 -3.99
C PHE C 32 -20.84 12.94 -2.60
N GLY C 33 -20.11 13.64 -1.72
CA GLY C 33 -20.64 13.81 -0.38
C GLY C 33 -20.71 12.49 0.39
N GLU C 34 -19.72 11.64 0.24
CA GLU C 34 -19.77 10.33 0.90
C GLU C 34 -18.51 10.12 1.75
N LEU C 35 -18.57 9.10 2.60
CA LEU C 35 -17.42 8.74 3.41
C LEU C 35 -16.29 8.15 2.56
N THR C 36 -15.07 8.30 3.04
CA THR C 36 -13.88 7.77 2.38
C THR C 36 -13.62 6.45 3.06
N PRO C 37 -13.72 5.34 2.38
CA PRO C 37 -13.43 4.04 3.01
C PRO C 37 -11.97 3.96 3.41
N ALA C 38 -11.72 3.13 4.40
CA ALA C 38 -10.36 2.96 4.92
C ALA C 38 -9.60 1.94 4.07
N HIS C 39 -8.27 1.93 4.27
CA HIS C 39 -7.44 0.94 3.63
C HIS C 39 -8.02 -0.46 3.74
N GLY C 40 -8.06 -1.16 2.61
CA GLY C 40 -8.55 -2.50 2.56
C GLY C 40 -10.04 -2.65 2.47
N GLU C 41 -10.79 -1.56 2.63
CA GLU C 41 -12.22 -1.60 2.43
C GLU C 41 -12.59 -1.47 0.94
N ALA C 42 -13.86 -1.77 0.66
CA ALA C 42 -14.38 -1.78 -0.70
C ALA C 42 -14.42 -0.38 -1.28
N LEU C 43 -13.81 -0.23 -2.44
CA LEU C 43 -14.03 0.92 -3.31
C LEU C 43 -15.49 0.94 -3.73
N PRO C 44 -16.25 1.99 -3.42
CA PRO C 44 -17.67 1.98 -3.77
C PRO C 44 -17.91 1.75 -5.25
N PRO C 45 -19.08 1.24 -5.60
CA PRO C 45 -19.35 0.92 -7.01
C PRO C 45 -19.19 2.12 -7.94
N LEU C 46 -18.49 1.90 -9.05
CA LEU C 46 -18.29 2.80 -10.16
C LEU C 46 -17.25 3.87 -9.83
N TRP C 47 -16.74 3.92 -8.58
CA TRP C 47 -15.63 4.81 -8.27
C TRP C 47 -14.36 4.35 -8.96
N HIS C 48 -14.35 3.13 -9.52
CA HIS C 48 -13.16 2.70 -10.23
C HIS C 48 -12.91 3.56 -11.46
N TRP C 49 -13.92 4.28 -11.95
CA TRP C 49 -13.72 5.18 -13.09
C TRP C 49 -12.76 6.31 -12.79
N ALA C 50 -12.41 6.51 -11.54
CA ALA C 50 -11.45 7.54 -11.21
C ALA C 50 -10.03 7.06 -11.36
N PHE C 51 -9.86 5.79 -11.68
CA PHE C 51 -8.54 5.19 -11.75
C PHE C 51 -8.24 4.72 -13.18
N PHE C 52 -7.01 4.19 -13.34
CA PHE C 52 -6.51 3.69 -14.61
C PHE C 52 -6.46 4.77 -15.69
N GLN C 53 -6.07 5.98 -15.29
CA GLN C 53 -5.93 7.10 -16.22
C GLN C 53 -4.49 7.22 -16.71
N ASP C 54 -4.34 7.23 -18.04
CA ASP C 54 -3.07 7.40 -18.73
C ASP C 54 -3.19 8.61 -19.66
N PRO C 55 -3.30 9.81 -19.10
CA PRO C 55 -3.56 10.98 -19.95
C PRO C 55 -2.40 11.32 -20.86
N VAL C 56 -2.72 12.03 -21.93
CA VAL C 56 -1.73 12.46 -22.90
C VAL C 56 -1.47 13.95 -22.72
N GLU C 57 -0.31 14.39 -23.20
CA GLU C 57 0.01 15.80 -23.29
C GLU C 57 -0.88 16.52 -24.29
N ALA C 58 -0.90 17.87 -24.21
CA ALA C 58 -1.83 18.66 -25.02
C ALA C 58 -1.71 18.40 -26.52
N ALA C 59 -0.48 18.27 -27.03
CA ALA C 59 -0.30 17.94 -28.45
C ALA C 59 -1.08 16.68 -28.84
N GLY C 60 -1.30 15.76 -27.91
CA GLY C 60 -2.05 14.55 -28.18
C GLY C 60 -3.53 14.66 -28.05
N LEU C 61 -4.03 15.85 -27.70
CA LEU C 61 -5.43 16.06 -27.40
C LEU C 61 -6.16 16.56 -28.65
N GLY C 62 -7.43 16.27 -28.72
CA GLY C 62 -8.26 16.79 -29.75
C GLY C 62 -8.94 18.03 -29.28
N VAL C 63 -9.58 18.71 -30.23
CA VAL C 63 -10.20 20.00 -29.93
C VAL C 63 -11.20 19.85 -28.80
N ASP C 64 -11.85 18.68 -28.69
CA ASP C 64 -12.86 18.53 -27.63
C ASP C 64 -12.27 18.26 -26.24
N GLY C 65 -10.94 18.22 -26.09
CA GLY C 65 -10.30 17.91 -24.83
C GLY C 65 -9.99 16.44 -24.62
N HIS C 66 -10.66 15.55 -25.31
CA HIS C 66 -10.31 14.13 -25.26
C HIS C 66 -9.03 13.87 -26.04
N PRO C 67 -8.41 12.69 -25.85
CA PRO C 67 -7.28 12.32 -26.73
C PRO C 67 -7.68 12.40 -28.20
N ALA C 68 -6.73 12.78 -29.05
CA ALA C 68 -7.03 13.06 -30.45
C ALA C 68 -7.69 11.86 -31.10
N ARG C 69 -8.68 12.13 -31.94
CA ARG C 69 -9.50 11.07 -32.53
C ARG C 69 -8.63 10.21 -33.44
N GLY C 70 -8.76 8.88 -33.25
CA GLY C 70 -7.87 7.93 -33.87
C GLY C 70 -8.32 7.45 -35.23
N GLY C 71 -7.82 6.25 -35.61
CA GLY C 71 -8.00 5.77 -36.96
C GLY C 71 -9.44 5.48 -37.33
N PHE C 72 -10.25 5.04 -36.37
CA PHE C 72 -11.62 4.68 -36.68
C PHE C 72 -12.46 5.84 -37.17
N LEU C 73 -12.04 7.07 -36.89
CA LEU C 73 -12.83 8.22 -37.30
C LEU C 73 -12.24 8.85 -38.56
N PRO C 74 -13.07 9.49 -39.39
CA PRO C 74 -12.54 10.24 -40.53
C PRO C 74 -11.63 11.35 -40.07
N PRO C 75 -10.80 11.88 -40.98
CA PRO C 75 -9.91 12.99 -40.59
C PRO C 75 -10.73 14.22 -40.18
N ALA C 76 -10.29 14.86 -39.09
CA ALA C 76 -10.93 16.07 -38.60
C ALA C 76 -12.41 15.85 -38.36
N ASP C 77 -12.72 14.79 -37.61
CA ASP C 77 -14.11 14.46 -37.35
C ASP C 77 -14.74 15.54 -36.46
N ASP C 78 -15.84 16.11 -36.95
CA ASP C 78 -16.58 17.18 -36.31
C ASP C 78 -17.62 16.68 -35.32
N ARG C 79 -17.93 15.39 -35.33
CA ARG C 79 -19.03 14.86 -34.53
C ARG C 79 -18.72 15.00 -33.04
N ASN C 80 -19.79 15.03 -32.26
CA ASN C 80 -19.69 15.11 -30.81
C ASN C 80 -19.53 13.71 -30.23
N ARG C 81 -18.57 13.56 -29.32
CA ARG C 81 -18.37 12.31 -28.61
C ARG C 81 -19.17 12.29 -27.34
N MET C 82 -19.75 11.12 -27.03
CA MET C 82 -20.57 10.97 -25.84
C MET C 82 -20.39 9.60 -25.21
N TRP C 83 -20.35 9.59 -23.87
CA TRP C 83 -20.41 8.38 -23.05
C TRP C 83 -21.84 7.90 -23.06
N ALA C 84 -22.12 6.84 -23.81
CA ALA C 84 -23.51 6.50 -24.13
C ALA C 84 -24.14 5.50 -23.15
N GLY C 85 -23.35 4.59 -22.59
CA GLY C 85 -23.91 3.55 -21.75
C GLY C 85 -22.84 2.52 -21.49
N GLY C 86 -23.23 1.49 -20.75
CA GLY C 86 -22.31 0.39 -20.54
C GLY C 86 -22.93 -0.65 -19.67
N ARG C 87 -22.13 -1.71 -19.42
CA ARG C 87 -22.58 -2.86 -18.67
C ARG C 87 -21.44 -3.35 -17.79
N LEU C 88 -21.75 -3.70 -16.55
CA LEU C 88 -20.72 -4.13 -15.62
C LEU C 88 -21.13 -5.44 -14.96
N GLU C 89 -20.14 -6.28 -14.70
CA GLU C 89 -20.33 -7.53 -13.97
C GLU C 89 -19.45 -7.47 -12.74
N PHE C 90 -20.07 -7.62 -11.58
CA PHE C 90 -19.41 -7.44 -10.30
C PHE C 90 -19.15 -8.79 -9.66
N HIS C 91 -17.87 -9.11 -9.44
CA HIS C 91 -17.50 -10.36 -8.76
C HIS C 91 -17.05 -10.15 -7.32
N GLN C 92 -16.07 -9.31 -7.09
CA GLN C 92 -15.77 -8.87 -5.74
C GLN C 92 -15.35 -7.40 -5.79
N PRO C 93 -15.56 -6.65 -4.71
CA PRO C 93 -15.20 -5.23 -4.79
C PRO C 93 -13.70 -5.08 -5.00
N LEU C 94 -13.32 -4.06 -5.76
CA LEU C 94 -11.94 -3.63 -5.65
C LEU C 94 -11.77 -2.99 -4.25
N ARG C 95 -10.53 -2.94 -3.78
CA ARG C 95 -10.27 -2.56 -2.40
C ARG C 95 -9.34 -1.36 -2.34
N VAL C 96 -9.70 -0.41 -1.47
CA VAL C 96 -8.95 0.82 -1.31
C VAL C 96 -7.54 0.55 -0.82
N GLY C 97 -6.57 1.24 -1.43
CA GLY C 97 -5.20 1.11 -1.03
C GLY C 97 -4.41 0.04 -1.72
N GLY C 98 -5.07 -0.89 -2.40
CA GLY C 98 -4.41 -1.93 -3.14
C GLY C 98 -4.12 -1.55 -4.58
N GLU C 99 -3.34 -2.39 -5.22
CA GLU C 99 -3.07 -2.21 -6.64
C GLU C 99 -4.09 -3.01 -7.42
N ALA C 100 -4.20 -2.69 -8.68
CA ALA C 100 -5.16 -3.38 -9.52
C ALA C 100 -4.68 -3.29 -10.95
N SER C 101 -4.97 -4.33 -11.74
CA SER C 101 -4.67 -4.27 -13.17
C SER C 101 -5.96 -4.19 -13.99
N ARG C 102 -5.88 -3.49 -15.12
CA ARG C 102 -6.99 -3.41 -16.05
C ARG C 102 -6.56 -3.99 -17.39
N THR C 103 -7.27 -5.00 -17.88
CA THR C 103 -6.99 -5.55 -19.20
C THR C 103 -8.09 -5.08 -20.14
N SER C 104 -7.71 -4.38 -21.20
CA SER C 104 -8.68 -3.67 -22.02
C SER C 104 -8.58 -4.09 -23.48
N THR C 105 -9.70 -4.01 -24.17
CA THR C 105 -9.79 -4.36 -25.58
C THR C 105 -10.94 -3.60 -26.19
N ILE C 106 -10.76 -3.21 -27.45
CA ILE C 106 -11.86 -2.69 -28.27
C ILE C 106 -12.67 -3.89 -28.71
N LEU C 107 -13.88 -4.03 -28.15
CA LEU C 107 -14.74 -5.16 -28.47
C LEU C 107 -15.39 -5.01 -29.85
N ARG C 108 -15.97 -3.86 -30.12
CA ARG C 108 -16.63 -3.72 -31.42
C ARG C 108 -16.74 -2.25 -31.76
N VAL C 109 -16.68 -1.99 -33.07
CA VAL C 109 -16.97 -0.69 -33.65
C VAL C 109 -18.06 -0.88 -34.69
N GLU C 110 -19.05 0.01 -34.71
CA GLU C 110 -20.19 -0.17 -35.59
C GLU C 110 -20.81 1.15 -35.99
N GLU C 111 -21.14 1.27 -37.29
CA GLU C 111 -21.91 2.40 -37.79
C GLU C 111 -23.40 2.06 -37.70
N LYS C 112 -24.18 2.98 -37.13
CA LYS C 112 -25.62 2.88 -37.00
C LYS C 112 -26.21 4.18 -37.54
N HIS C 113 -27.54 4.20 -37.71
CA HIS C 113 -28.21 5.38 -38.27
C HIS C 113 -29.01 6.05 -37.15
N GLY C 114 -28.55 7.23 -36.74
CA GLY C 114 -29.15 7.94 -35.63
C GLY C 114 -30.23 8.90 -36.09
N ARG C 115 -30.80 9.59 -35.10
CA ARG C 115 -31.89 10.51 -35.39
C ARG C 115 -31.40 11.77 -36.10
N SER C 116 -30.17 12.21 -35.82
CA SER C 116 -29.59 13.39 -36.46
C SER C 116 -28.62 13.04 -37.59
N GLY C 117 -28.47 11.76 -37.93
CA GLY C 117 -27.52 11.32 -38.91
C GLY C 117 -26.87 10.02 -38.46
N ALA C 118 -25.78 9.65 -39.13
CA ALA C 118 -25.07 8.41 -38.80
C ALA C 118 -24.22 8.59 -37.55
N LEU C 119 -24.29 7.61 -36.66
CA LEU C 119 -23.52 7.63 -35.42
C LEU C 119 -22.64 6.40 -35.33
N LEU C 120 -21.43 6.59 -34.85
CA LEU C 120 -20.46 5.51 -34.68
C LEU C 120 -20.50 5.05 -33.21
N PHE C 121 -20.50 3.73 -33.05
CA PHE C 121 -20.66 3.09 -31.75
C PHE C 121 -19.40 2.30 -31.45
N VAL C 122 -18.69 2.69 -30.39
CA VAL C 122 -17.49 1.97 -30.01
C VAL C 122 -17.73 1.33 -28.64
N THR C 123 -17.43 0.04 -28.55
CA THR C 123 -17.60 -0.68 -27.30
C THR C 123 -16.25 -1.16 -26.81
N LEU C 124 -15.86 -0.66 -25.63
CA LEU C 124 -14.65 -1.10 -24.97
C LEU C 124 -14.98 -2.15 -23.92
N ARG C 125 -14.09 -3.11 -23.74
CA ARG C 125 -14.24 -4.09 -22.70
C ARG C 125 -13.05 -4.00 -21.76
N HIS C 126 -13.33 -3.95 -20.44
CA HIS C 126 -12.28 -3.91 -19.42
C HIS C 126 -12.47 -5.00 -18.38
N ASP C 127 -11.39 -5.68 -18.04
CA ASP C 127 -11.38 -6.66 -16.97
C ASP C 127 -10.43 -6.17 -15.88
N TYR C 128 -10.93 -6.09 -14.65
CA TYR C 128 -10.15 -5.54 -13.54
C TYR C 128 -9.81 -6.66 -12.58
N ARG C 129 -8.52 -6.81 -12.27
CA ARG C 129 -8.04 -7.82 -11.34
C ARG C 129 -7.27 -7.20 -10.20
N GLN C 130 -7.33 -7.88 -9.06
CA GLN C 130 -6.62 -7.52 -7.83
C GLN C 130 -6.20 -8.83 -7.21
N ASP C 131 -4.95 -8.93 -6.76
CA ASP C 131 -4.44 -10.14 -6.10
C ASP C 131 -4.71 -11.39 -6.94
N GLY C 132 -4.60 -11.24 -8.26
CA GLY C 132 -4.78 -12.35 -9.19
C GLY C 132 -6.21 -12.81 -9.40
N GLN C 133 -7.21 -12.15 -8.81
CA GLN C 133 -8.60 -12.49 -8.95
C GLN C 133 -9.31 -11.43 -9.79
N LEU C 134 -10.21 -11.88 -10.65
CA LEU C 134 -11.08 -10.97 -11.39
C LEU C 134 -12.09 -10.34 -10.43
N ALA C 135 -12.03 -9.04 -10.29
CA ALA C 135 -12.99 -8.33 -9.46
C ALA C 135 -14.19 -7.82 -10.26
N LEU C 136 -13.95 -7.32 -11.45
CA LEU C 136 -14.97 -6.60 -12.20
C LEU C 136 -14.73 -6.71 -13.68
N SER C 137 -15.81 -6.86 -14.43
CA SER C 137 -15.74 -6.78 -15.88
C SER C 137 -16.69 -5.71 -16.37
N GLU C 138 -16.27 -4.96 -17.39
CA GLU C 138 -17.07 -3.86 -17.86
C GLU C 138 -17.06 -3.77 -19.37
N GLU C 139 -18.19 -3.35 -19.92
CA GLU C 139 -18.29 -2.86 -21.29
C GLU C 139 -18.67 -1.40 -21.24
N HIS C 140 -17.99 -0.58 -22.02
CA HIS C 140 -18.31 0.84 -22.15
C HIS C 140 -18.58 1.20 -23.61
N ASP C 141 -19.75 1.81 -23.84
CA ASP C 141 -20.20 2.24 -25.16
C ASP C 141 -19.97 3.73 -25.34
N ILE C 142 -19.14 4.07 -26.31
CA ILE C 142 -18.86 5.43 -26.70
C ILE C 142 -19.51 5.67 -28.06
N VAL C 143 -20.07 6.87 -28.25
CA VAL C 143 -20.81 7.22 -29.45
C VAL C 143 -20.27 8.53 -30.00
N TYR C 144 -20.19 8.59 -31.33
CA TYR C 144 -19.89 9.83 -32.06
C TYR C 144 -21.07 10.13 -32.96
N ARG C 145 -21.73 11.26 -32.73
CA ARG C 145 -22.95 11.62 -33.44
C ARG C 145 -22.85 13.07 -33.88
N GLU C 146 -23.78 13.47 -34.80
CA GLU C 146 -23.87 14.83 -35.31
C GLU C 146 -24.58 15.74 -34.31
N PRO C 147 -24.29 17.07 -34.36
CA PRO C 147 -24.98 18.00 -33.45
C PRO C 147 -26.50 17.91 -33.48
N THR C 148 -27.08 17.66 -32.31
CA THR C 148 -28.52 17.39 -32.15
C THR C 148 -29.15 18.44 -31.24
N GLY C 154 -38.77 13.87 -26.36
CA GLY C 154 -39.95 13.03 -26.19
C GLY C 154 -39.60 11.70 -25.55
N THR C 155 -38.86 11.78 -24.44
CA THR C 155 -38.47 10.58 -23.72
C THR C 155 -39.63 10.06 -22.85
N GLU C 156 -39.46 8.84 -22.32
CA GLU C 156 -40.44 8.31 -21.39
C GLU C 156 -40.56 9.23 -20.19
N ALA C 157 -41.76 9.32 -19.65
CA ALA C 157 -41.93 10.18 -18.49
C ALA C 157 -41.36 9.51 -17.24
N LEU C 158 -41.07 10.32 -16.24
CA LEU C 158 -40.53 9.85 -14.97
C LEU C 158 -41.54 8.96 -14.27
N PRO C 159 -41.27 7.66 -14.17
CA PRO C 159 -42.24 6.76 -13.51
C PRO C 159 -42.15 6.84 -11.99
N GLU C 160 -43.18 6.28 -11.35
CA GLU C 160 -43.22 6.20 -9.89
C GLU C 160 -42.44 4.96 -9.43
N GLY C 161 -41.74 5.11 -8.32
CA GLY C 161 -40.85 4.07 -7.85
C GLY C 161 -40.85 3.96 -6.34
N ASP C 162 -40.02 3.05 -5.85
CA ASP C 162 -39.93 2.77 -4.42
C ASP C 162 -38.88 3.61 -3.72
N TRP C 163 -38.01 4.27 -4.46
CA TRP C 163 -37.09 5.25 -3.88
C TRP C 163 -36.91 6.36 -4.92
N ARG C 164 -36.43 7.51 -4.44
CA ARG C 164 -36.06 8.63 -5.28
C ARG C 164 -35.18 9.57 -4.46
N GLU C 165 -34.35 10.34 -5.17
CA GLU C 165 -33.41 11.30 -4.61
C GLU C 165 -33.46 12.51 -5.52
N ALA C 166 -33.72 13.67 -4.95
CA ALA C 166 -33.66 14.91 -5.71
C ALA C 166 -32.22 15.41 -5.76
N LEU C 167 -31.81 15.88 -6.93
CA LEU C 167 -30.44 16.37 -7.07
C LEU C 167 -30.47 17.70 -7.81
N GLU C 168 -29.46 18.50 -7.56
CA GLU C 168 -29.32 19.82 -8.19
C GLU C 168 -27.87 19.93 -8.63
N PRO C 169 -27.57 19.72 -9.91
CA PRO C 169 -26.19 19.83 -10.36
C PRO C 169 -25.73 21.29 -10.38
N ASP C 170 -24.42 21.47 -10.27
CA ASP C 170 -23.80 22.76 -10.48
C ASP C 170 -22.44 22.56 -11.12
N PRO C 171 -21.80 23.62 -11.59
CA PRO C 171 -20.52 23.44 -12.26
C PRO C 171 -19.41 22.90 -11.38
N VAL C 172 -19.46 23.13 -10.07
CA VAL C 172 -18.39 22.63 -9.20
C VAL C 172 -18.45 21.11 -9.15
N LEU C 173 -19.67 20.57 -9.05
CA LEU C 173 -19.86 19.12 -9.01
C LEU C 173 -19.34 18.50 -10.28
N LEU C 174 -19.72 19.08 -11.42
CA LEU C 174 -19.29 18.59 -12.71
C LEU C 174 -17.79 18.71 -12.88
N PHE C 175 -17.26 19.88 -12.55
CA PHE C 175 -15.81 20.03 -12.59
C PHE C 175 -15.12 18.96 -11.74
N ARG C 176 -15.65 18.67 -10.54
CA ARG C 176 -14.95 17.75 -9.64
C ARG C 176 -14.97 16.32 -10.21
N TYR C 177 -16.11 15.92 -10.74
CA TYR C 177 -16.22 14.60 -11.34
C TYR C 177 -15.29 14.47 -12.54
N SER C 178 -15.21 15.50 -13.38
CA SER C 178 -14.20 15.51 -14.44
C SER C 178 -12.79 15.44 -13.85
N ALA C 179 -12.57 16.16 -12.75
CA ALA C 179 -11.26 16.15 -12.11
C ALA C 179 -10.87 14.76 -11.61
N VAL C 180 -11.77 14.05 -10.95
CA VAL C 180 -11.30 12.79 -10.35
C VAL C 180 -11.09 11.73 -11.44
N THR C 181 -11.81 11.84 -12.55
CA THR C 181 -11.64 10.99 -13.72
C THR C 181 -10.58 11.53 -14.66
N PHE C 182 -10.05 12.72 -14.37
CA PHE C 182 -9.11 13.45 -15.20
C PHE C 182 -9.49 13.41 -16.69
N ASN C 183 -10.77 13.62 -16.92
CA ASN C 183 -11.39 13.66 -18.24
C ASN C 183 -11.34 15.08 -18.79
N GLY C 184 -10.57 15.30 -19.85
CA GLY C 184 -10.48 16.63 -20.43
C GLY C 184 -11.68 17.07 -21.26
N HIS C 185 -12.69 16.21 -21.43
CA HIS C 185 -13.78 16.54 -22.34
C HIS C 185 -14.47 17.85 -21.96
N ARG C 186 -14.44 18.81 -22.89
CA ARG C 186 -14.83 20.18 -22.61
C ARG C 186 -16.32 20.36 -22.39
N ILE C 187 -17.14 19.40 -22.78
CA ILE C 187 -18.57 19.57 -22.57
C ILE C 187 -18.98 19.60 -21.12
N HIS C 188 -18.10 19.20 -20.20
CA HIS C 188 -18.46 19.15 -18.80
C HIS C 188 -18.04 20.37 -18.00
N TYR C 189 -17.18 21.23 -18.56
CA TYR C 189 -16.76 22.43 -17.82
C TYR C 189 -16.60 23.71 -18.64
N ASP C 190 -16.51 23.64 -19.99
CA ASP C 190 -16.18 24.77 -20.86
C ASP C 190 -17.48 25.28 -21.49
N TRP C 191 -18.13 26.19 -20.78
CA TRP C 191 -19.47 26.59 -21.19
C TRP C 191 -19.48 27.23 -22.58
N PRO C 192 -18.58 28.14 -22.92
CA PRO C 192 -18.56 28.67 -24.29
C PRO C 192 -18.35 27.59 -25.34
N TYR C 193 -17.57 26.56 -25.03
CA TYR C 193 -17.38 25.48 -25.98
C TYR C 193 -18.64 24.63 -26.12
N VAL C 194 -19.21 24.19 -25.00
CA VAL C 194 -20.26 23.19 -25.11
C VAL C 194 -21.46 23.77 -25.85
N THR C 195 -21.65 25.09 -25.76
CA THR C 195 -22.75 25.77 -26.45
C THR C 195 -22.35 26.09 -27.89
N ASP C 196 -21.34 26.95 -28.09
CA ASP C 196 -21.05 27.43 -29.44
C ASP C 196 -20.44 26.34 -30.31
N ALA C 197 -19.66 25.44 -29.71
CA ALA C 197 -18.89 24.52 -30.54
C ALA C 197 -19.66 23.24 -30.85
N GLU C 198 -20.36 22.69 -29.86
CA GLU C 198 -21.06 21.42 -30.06
C GLU C 198 -22.56 21.55 -29.90
N GLY C 199 -23.06 22.74 -29.54
CA GLY C 199 -24.45 23.05 -29.72
C GLY C 199 -25.38 22.60 -28.62
N TYR C 200 -24.90 22.36 -27.46
CA TYR C 200 -25.77 22.03 -26.34
C TYR C 200 -26.27 23.31 -25.68
N PRO C 201 -27.34 23.22 -24.88
CA PRO C 201 -27.83 24.39 -24.14
C PRO C 201 -26.89 24.84 -23.04
N GLY C 202 -26.07 23.94 -22.53
CA GLY C 202 -25.15 24.30 -21.46
C GLY C 202 -24.32 23.07 -21.16
N LEU C 203 -23.67 23.09 -20.00
CA LEU C 203 -22.84 21.99 -19.57
C LEU C 203 -23.60 20.66 -19.49
N VAL C 204 -22.93 19.59 -19.88
CA VAL C 204 -23.52 18.26 -19.83
C VAL C 204 -23.12 17.56 -18.53
N VAL C 205 -24.12 17.09 -17.79
CA VAL C 205 -23.93 16.23 -16.63
C VAL C 205 -23.50 14.86 -17.13
N HIS C 206 -22.30 14.42 -16.69
CA HIS C 206 -21.72 13.21 -17.23
C HIS C 206 -22.66 12.00 -17.14
N GLY C 207 -22.68 11.19 -18.19
CA GLY C 207 -23.39 9.94 -18.13
C GLY C 207 -22.98 9.06 -16.97
N PRO C 208 -21.68 8.83 -16.81
CA PRO C 208 -21.25 7.96 -15.71
C PRO C 208 -21.48 8.57 -14.33
N LEU C 209 -21.57 9.90 -14.24
CA LEU C 209 -21.89 10.56 -12.98
C LEU C 209 -23.30 10.19 -12.55
N ILE C 210 -24.27 10.34 -13.46
CA ILE C 210 -25.64 10.04 -13.08
C ILE C 210 -25.84 8.53 -12.94
N ALA C 211 -25.13 7.73 -13.72
CA ALA C 211 -25.18 6.29 -13.49
C ALA C 211 -24.75 5.98 -12.07
N THR C 212 -23.66 6.59 -11.61
CA THR C 212 -23.19 6.33 -10.26
C THR C 212 -24.22 6.79 -9.25
N LEU C 213 -24.87 7.93 -9.52
CA LEU C 213 -25.89 8.42 -8.59
C LEU C 213 -27.08 7.48 -8.56
N ALA C 214 -27.54 7.01 -9.73
CA ALA C 214 -28.68 6.08 -9.78
C ALA C 214 -28.38 4.76 -9.09
N LEU C 215 -27.19 4.19 -9.34
CA LEU C 215 -26.83 2.97 -8.66
C LEU C 215 -26.68 3.20 -7.16
N ARG C 216 -26.10 4.35 -6.77
CA ARG C 216 -25.93 4.61 -5.35
C ARG C 216 -27.29 4.63 -4.66
N ALA C 217 -28.28 5.24 -5.30
CA ALA C 217 -29.60 5.34 -4.69
C ALA C 217 -30.21 3.96 -4.52
N PHE C 218 -30.04 3.10 -5.53
CA PHE C 218 -30.53 1.74 -5.39
C PHE C 218 -29.92 1.07 -4.15
N CYS C 219 -28.60 1.22 -3.99
CA CYS C 219 -27.91 0.58 -2.88
C CYS C 219 -28.37 1.13 -1.53
N ARG C 220 -28.57 2.45 -1.45
CA ARG C 220 -29.08 3.05 -0.22
C ARG C 220 -30.45 2.48 0.12
N ALA C 221 -31.32 2.40 -0.88
CA ALA C 221 -32.66 1.88 -0.67
C ALA C 221 -32.67 0.38 -0.43
N ASN C 222 -31.53 -0.34 -0.57
CA ASN C 222 -31.36 -1.76 -0.53
C ASN C 222 -30.01 -2.12 0.06
N PRO C 223 -29.78 -1.78 1.32
CA PRO C 223 -28.42 -1.88 1.88
C PRO C 223 -27.86 -3.28 1.97
N GLN C 224 -28.71 -4.31 2.01
CA GLN C 224 -28.17 -5.66 2.04
C GLN C 224 -27.87 -6.23 0.65
N ALA C 225 -28.31 -5.56 -0.41
CA ALA C 225 -28.08 -6.06 -1.75
C ALA C 225 -26.59 -6.21 -2.04
N ARG C 226 -26.23 -7.32 -2.64
CA ARG C 226 -24.88 -7.53 -3.14
C ARG C 226 -24.91 -7.47 -4.66
N LEU C 227 -24.26 -6.47 -5.25
CA LEU C 227 -24.41 -6.24 -6.67
C LEU C 227 -23.85 -7.42 -7.46
N ARG C 228 -24.58 -7.82 -8.49
CA ARG C 228 -24.04 -8.74 -9.47
C ARG C 228 -23.89 -8.11 -10.84
N ARG C 229 -24.85 -7.31 -11.27
CA ARG C 229 -24.84 -6.80 -12.63
C ARG C 229 -25.51 -5.43 -12.67
N PHE C 230 -24.95 -4.54 -13.47
CA PHE C 230 -25.53 -3.22 -13.69
C PHE C 230 -25.35 -2.84 -15.14
N ALA C 231 -26.47 -2.47 -15.76
CA ALA C 231 -26.44 -1.91 -17.11
C ALA C 231 -27.08 -0.52 -17.10
N TYR C 232 -26.52 0.40 -17.88
CA TYR C 232 -27.03 1.77 -17.94
C TYR C 232 -26.94 2.22 -19.39
N ARG C 233 -27.92 3.03 -19.79
CA ARG C 233 -28.00 3.57 -21.14
C ARG C 233 -28.56 4.99 -21.13
N GLY C 234 -27.87 5.90 -21.79
CA GLY C 234 -28.33 7.28 -21.85
C GLY C 234 -29.41 7.43 -22.91
N LEU C 235 -30.40 8.28 -22.60
CA LEU C 235 -31.47 8.62 -23.54
C LEU C 235 -31.30 10.02 -24.11
N ARG C 236 -31.19 11.03 -23.25
CA ARG C 236 -30.93 12.41 -23.67
C ARG C 236 -29.99 13.06 -22.68
N PRO C 237 -29.21 14.04 -23.12
CA PRO C 237 -28.28 14.72 -22.20
C PRO C 237 -28.98 15.54 -21.15
N LEU C 238 -28.45 15.47 -19.92
CA LEU C 238 -28.89 16.34 -18.83
C LEU C 238 -27.97 17.56 -18.84
N ILE C 239 -28.57 18.73 -18.66
CA ILE C 239 -27.84 19.98 -18.79
C ILE C 239 -27.77 20.66 -17.43
N CYS C 240 -26.58 21.09 -17.08
CA CYS C 240 -26.40 21.88 -15.87
C CYS C 240 -27.00 23.26 -16.05
N PRO C 241 -27.67 23.82 -15.02
CA PRO C 241 -27.89 23.26 -13.70
C PRO C 241 -29.30 22.76 -13.40
N GLU C 242 -29.96 22.14 -14.37
CA GLU C 242 -31.39 21.83 -14.23
C GLU C 242 -31.62 20.70 -13.23
N PRO C 243 -32.46 20.89 -12.22
CA PRO C 243 -32.66 19.83 -11.23
C PRO C 243 -33.18 18.55 -11.89
N PHE C 244 -32.89 17.43 -11.24
CA PHE C 244 -33.32 16.13 -11.73
C PHE C 244 -33.41 15.22 -10.51
N GLU C 245 -33.94 14.02 -10.72
CA GLU C 245 -33.94 13.02 -9.67
C GLU C 245 -33.47 11.69 -10.22
N VAL C 246 -32.99 10.85 -9.32
CA VAL C 246 -32.67 9.45 -9.61
C VAL C 246 -33.73 8.62 -8.91
N GLY C 247 -34.22 7.58 -9.57
CA GLY C 247 -35.15 6.69 -8.93
C GLY C 247 -34.97 5.26 -9.39
N GLY C 248 -35.80 4.40 -8.83
CA GLY C 248 -35.88 3.03 -9.29
C GLY C 248 -36.93 2.27 -8.51
N ARG C 249 -37.03 0.98 -8.83
CA ARG C 249 -38.00 0.11 -8.20
C ARG C 249 -37.57 -1.33 -8.37
N LEU C 250 -37.90 -2.14 -7.37
CA LEU C 250 -37.74 -3.58 -7.49
C LEU C 250 -38.73 -4.12 -8.53
N LEU C 251 -38.23 -5.00 -9.38
CA LEU C 251 -39.06 -5.76 -10.31
C LEU C 251 -39.28 -7.20 -9.86
N ALA C 252 -38.43 -7.72 -9.00
CA ALA C 252 -38.44 -9.10 -8.52
C ALA C 252 -37.29 -9.17 -7.50
N ALA C 253 -37.26 -10.25 -6.74
CA ALA C 253 -36.13 -10.46 -5.84
C ALA C 253 -34.84 -10.49 -6.65
N GLY C 254 -33.86 -9.71 -6.19
CA GLY C 254 -32.60 -9.60 -6.89
C GLY C 254 -32.66 -8.94 -8.25
N LYS C 255 -33.72 -8.17 -8.56
CA LYS C 255 -33.81 -7.48 -9.85
C LYS C 255 -34.46 -6.12 -9.67
N ALA C 256 -33.83 -5.08 -10.20
CA ALA C 256 -34.33 -3.72 -10.07
C ALA C 256 -34.05 -2.92 -11.33
N GLU C 257 -34.85 -1.90 -11.55
CA GLU C 257 -34.54 -0.92 -12.58
C GLU C 257 -34.27 0.42 -11.90
N VAL C 258 -33.54 1.28 -12.60
CA VAL C 258 -33.26 2.61 -12.10
C VAL C 258 -33.42 3.59 -13.24
N TRP C 259 -33.58 4.87 -12.89
CA TRP C 259 -33.70 5.90 -13.89
C TRP C 259 -33.18 7.22 -13.33
N VAL C 260 -32.87 8.13 -14.26
CA VAL C 260 -32.51 9.51 -13.99
C VAL C 260 -33.38 10.37 -14.88
N GLY C 261 -34.08 11.34 -14.30
CA GLY C 261 -34.89 12.18 -15.15
C GLY C 261 -35.49 13.36 -14.42
N ASN C 262 -36.25 14.14 -15.18
CA ASN C 262 -36.93 15.32 -14.64
C ASN C 262 -38.22 15.55 -15.43
N GLY C 263 -38.78 16.77 -15.34
CA GLY C 263 -40.07 17.04 -15.94
C GLY C 263 -40.08 16.87 -17.45
N ALA C 264 -38.95 17.06 -18.11
CA ALA C 264 -38.82 16.82 -19.53
C ALA C 264 -38.66 15.34 -19.89
N GLY C 265 -38.70 14.45 -18.90
CA GLY C 265 -38.60 13.02 -19.15
C GLY C 265 -37.28 12.43 -18.67
N LEU C 266 -37.14 11.14 -18.99
CA LEU C 266 -35.97 10.41 -18.52
C LEU C 266 -34.74 10.79 -19.33
N ALA C 267 -33.60 10.82 -18.66
CA ALA C 267 -32.32 11.00 -19.34
C ALA C 267 -31.50 9.74 -19.38
N GLN C 268 -31.72 8.83 -18.45
CA GLN C 268 -30.94 7.62 -18.37
C GLN C 268 -31.80 6.54 -17.74
N ARG C 269 -31.62 5.31 -18.19
CA ARG C 269 -32.26 4.16 -17.60
C ARG C 269 -31.17 3.13 -17.31
N GLY C 270 -31.47 2.23 -16.39
CA GLY C 270 -30.52 1.20 -16.04
C GLY C 270 -31.21 0.03 -15.37
N ASP C 271 -30.44 -1.05 -15.29
CA ASP C 271 -30.91 -2.34 -14.79
C ASP C 271 -29.91 -2.89 -13.80
N VAL C 272 -30.42 -3.38 -12.66
CA VAL C 272 -29.58 -3.93 -11.59
C VAL C 272 -29.98 -5.37 -11.33
N GLU C 273 -29.00 -6.26 -11.27
CA GLU C 273 -29.20 -7.58 -10.71
C GLU C 273 -28.30 -7.76 -9.51
N PHE C 274 -28.82 -8.42 -8.48
CA PHE C 274 -28.13 -8.55 -7.22
C PHE C 274 -28.61 -9.76 -6.43
N ASP C 275 -27.84 -10.10 -5.38
CA ASP C 275 -28.12 -11.16 -4.43
C ASP C 275 -28.64 -10.59 -3.11
N TRP D 9 8.46 4.14 34.57
CA TRP D 9 7.71 4.54 33.37
C TRP D 9 6.53 3.57 33.20
N ILE D 10 5.92 3.19 34.33
CA ILE D 10 4.79 2.28 34.31
C ILE D 10 3.61 2.91 33.60
N GLY D 11 3.44 4.23 33.70
CA GLY D 11 2.35 4.88 33.02
C GLY D 11 2.51 5.02 31.52
N ARG D 12 3.75 4.94 31.00
CA ARG D 12 4.04 5.38 29.65
C ARG D 12 3.34 4.57 28.57
N GLN D 13 2.82 5.26 27.56
CA GLN D 13 2.07 4.63 26.49
C GLN D 13 2.89 4.56 25.21
N GLU D 14 2.77 3.45 24.50
CA GLU D 14 3.47 3.21 23.25
C GLU D 14 2.48 2.78 22.18
N GLU D 15 2.52 3.41 21.01
CA GLU D 15 1.66 3.07 19.89
C GLU D 15 2.47 2.45 18.76
N THR D 16 1.98 1.34 18.24
CA THR D 16 2.55 0.65 17.08
C THR D 16 1.43 0.39 16.09
N HIS D 17 1.75 0.46 14.80
CA HIS D 17 0.79 0.32 13.73
C HIS D 17 1.16 -0.83 12.79
N ASP D 18 0.15 -1.50 12.25
CA ASP D 18 0.43 -2.61 11.35
C ASP D 18 -0.67 -2.67 10.29
N GLN D 19 -0.44 -3.53 9.32
CA GLN D 19 -1.45 -3.91 8.32
C GLN D 19 -1.66 -5.40 8.52
N LEU D 20 -2.90 -5.82 8.64
CA LEU D 20 -3.22 -7.22 8.88
C LEU D 20 -3.17 -8.00 7.56
N SER D 21 -1.98 -8.03 6.97
CA SER D 21 -1.82 -8.42 5.58
C SER D 21 -1.99 -9.93 5.42
N ARG D 22 -2.65 -10.30 4.34
CA ARG D 22 -3.04 -11.67 4.10
C ARG D 22 -1.86 -12.59 3.91
N ASN D 23 -0.73 -12.07 3.42
CA ASN D 23 0.41 -12.97 3.29
C ASN D 23 0.74 -13.63 4.63
N LEU D 24 0.70 -12.88 5.73
CA LEU D 24 1.02 -13.45 7.02
C LEU D 24 -0.11 -14.33 7.55
N VAL D 25 -1.35 -13.97 7.26
CA VAL D 25 -2.49 -14.81 7.61
C VAL D 25 -2.32 -16.20 7.02
N LYS D 26 -1.91 -16.29 5.75
CA LYS D 26 -1.71 -17.60 5.14
C LYS D 26 -0.77 -18.46 5.96
N ARG D 27 0.27 -17.86 6.51
CA ARG D 27 1.27 -18.61 7.24
C ARG D 27 0.68 -19.12 8.54
N ILE D 28 -0.04 -18.26 9.26
CA ILE D 28 -0.69 -18.69 10.49
C ILE D 28 -1.66 -19.81 10.19
N ALA D 29 -2.47 -19.61 9.16
CA ALA D 29 -3.48 -20.57 8.78
C ALA D 29 -2.85 -21.93 8.54
N ALA D 30 -1.76 -21.95 7.79
CA ALA D 30 -1.04 -23.19 7.52
C ALA D 30 -0.51 -23.84 8.79
N THR D 31 0.03 -23.03 9.70
CA THR D 31 0.50 -23.52 10.98
C THR D 31 -0.58 -24.30 11.72
N PHE D 32 -1.82 -23.85 11.62
CA PHE D 32 -2.93 -24.40 12.39
C PHE D 32 -3.77 -25.34 11.57
N GLY D 33 -3.44 -25.55 10.29
CA GLY D 33 -4.24 -26.41 9.47
C GLY D 33 -5.63 -25.90 9.18
N GLU D 34 -5.83 -24.57 9.22
CA GLU D 34 -7.14 -23.99 8.95
C GLU D 34 -7.16 -23.23 7.62
N LEU D 35 -8.35 -22.85 7.20
CA LEU D 35 -8.52 -22.07 5.99
C LEU D 35 -8.02 -20.65 6.18
N THR D 36 -7.65 -20.01 5.07
CA THR D 36 -7.15 -18.65 5.12
C THR D 36 -8.32 -17.71 4.89
N PRO D 37 -8.69 -16.89 5.85
CA PRO D 37 -9.80 -15.96 5.64
C PRO D 37 -9.49 -15.05 4.46
N ALA D 38 -10.53 -14.70 3.72
CA ALA D 38 -10.39 -13.84 2.55
C ALA D 38 -10.14 -12.40 3.00
N HIS D 39 -9.58 -11.59 2.08
CA HIS D 39 -9.51 -10.14 2.33
C HIS D 39 -10.84 -9.68 2.89
N GLY D 40 -10.79 -8.84 3.93
CA GLY D 40 -11.98 -8.25 4.45
C GLY D 40 -12.75 -9.06 5.47
N GLU D 41 -12.45 -10.35 5.62
CA GLU D 41 -13.06 -11.19 6.64
C GLU D 41 -12.33 -11.06 7.98
N ALA D 42 -13.00 -11.58 9.02
CA ALA D 42 -12.46 -11.58 10.36
C ALA D 42 -11.16 -12.36 10.45
N LEU D 43 -10.20 -11.76 11.13
CA LEU D 43 -9.03 -12.50 11.61
C LEU D 43 -9.46 -13.42 12.75
N PRO D 44 -9.18 -14.72 12.67
CA PRO D 44 -9.61 -15.63 13.70
C PRO D 44 -9.11 -15.22 15.07
N PRO D 45 -9.79 -15.67 16.13
CA PRO D 45 -9.36 -15.39 17.51
C PRO D 45 -7.92 -15.76 17.75
N LEU D 46 -7.19 -14.80 18.29
CA LEU D 46 -5.82 -14.88 18.77
C LEU D 46 -4.77 -14.94 17.67
N TRP D 47 -5.18 -14.88 16.39
CA TRP D 47 -4.22 -14.69 15.29
C TRP D 47 -3.61 -13.29 15.32
N HIS D 48 -4.17 -12.35 16.08
CA HIS D 48 -3.57 -11.02 16.17
C HIS D 48 -2.15 -11.06 16.74
N TRP D 49 -1.79 -12.11 17.49
CA TRP D 49 -0.43 -12.26 18.01
C TRP D 49 0.61 -12.40 16.89
N ALA D 50 0.18 -12.69 15.68
CA ALA D 50 1.06 -12.72 14.54
C ALA D 50 1.50 -11.33 14.07
N PHE D 51 0.87 -10.30 14.56
CA PHE D 51 1.05 -8.92 14.09
C PHE D 51 1.57 -8.05 15.21
N PHE D 52 1.78 -6.78 14.85
CA PHE D 52 2.37 -5.72 15.68
C PHE D 52 3.74 -6.09 16.19
N GLN D 53 4.55 -6.69 15.33
CA GLN D 53 5.92 -7.03 15.72
C GLN D 53 6.87 -5.87 15.39
N ASP D 54 7.71 -5.56 16.36
CA ASP D 54 8.73 -4.52 16.27
C ASP D 54 10.05 -5.10 16.71
N PRO D 55 10.57 -6.07 15.97
CA PRO D 55 11.78 -6.77 16.43
C PRO D 55 12.99 -5.86 16.43
N VAL D 56 13.99 -6.27 17.22
CA VAL D 56 15.24 -5.56 17.35
C VAL D 56 16.37 -6.36 16.71
N GLU D 57 17.42 -5.64 16.31
CA GLU D 57 18.61 -6.31 15.80
C GLU D 57 19.23 -7.16 16.89
N ALA D 58 20.18 -8.03 16.47
CA ALA D 58 20.72 -9.03 17.39
C ALA D 58 21.40 -8.37 18.57
N ALA D 59 22.09 -7.26 18.33
CA ALA D 59 22.82 -6.58 19.40
C ALA D 59 21.89 -6.14 20.51
N GLY D 60 20.60 -6.03 20.24
CA GLY D 60 19.61 -5.66 21.22
C GLY D 60 18.90 -6.85 21.79
N LEU D 61 19.34 -8.05 21.48
CA LEU D 61 18.73 -9.25 22.02
C LEU D 61 19.44 -9.76 23.27
N GLY D 62 18.72 -10.47 24.06
CA GLY D 62 19.31 -11.20 25.15
C GLY D 62 19.63 -12.62 24.78
N VAL D 63 20.38 -13.26 25.68
CA VAL D 63 20.84 -14.62 25.42
C VAL D 63 19.68 -15.53 25.11
N ASP D 64 18.51 -15.27 25.69
CA ASP D 64 17.42 -16.22 25.47
C ASP D 64 16.70 -16.01 24.13
N GLY D 65 17.15 -15.06 23.31
CA GLY D 65 16.48 -14.76 22.06
C GLY D 65 15.45 -13.64 22.13
N HIS D 66 14.89 -13.37 23.31
CA HIS D 66 14.04 -12.20 23.50
C HIS D 66 14.87 -10.93 23.45
N PRO D 67 14.24 -9.77 23.20
CA PRO D 67 14.96 -8.51 23.38
C PRO D 67 15.54 -8.42 24.79
N ALA D 68 16.63 -7.68 24.89
CA ALA D 68 17.43 -7.63 26.09
C ALA D 68 16.59 -7.22 27.29
N ARG D 69 16.83 -7.90 28.41
CA ARG D 69 16.13 -7.61 29.65
C ARG D 69 16.47 -6.20 30.16
N GLY D 70 15.45 -5.57 30.72
CA GLY D 70 15.60 -4.24 31.30
C GLY D 70 14.58 -4.03 32.37
N GLY D 71 14.87 -3.16 33.33
CA GLY D 71 14.05 -3.00 34.49
C GLY D 71 14.30 -4.02 35.58
N PHE D 72 15.45 -4.68 35.56
CA PHE D 72 15.87 -5.61 36.63
C PHE D 72 17.26 -6.20 36.35
N ALA D 76 19.05 -7.02 33.17
CA ALA D 76 20.18 -7.94 33.07
C ALA D 76 20.07 -9.05 34.13
N ASP D 77 18.88 -9.64 34.19
CA ASP D 77 18.53 -10.65 35.18
C ASP D 77 18.92 -12.04 34.69
N ASP D 78 18.91 -13.00 35.62
CA ASP D 78 19.34 -14.36 35.37
C ASP D 78 18.18 -15.30 35.04
N ARG D 79 16.94 -14.90 35.29
CA ARG D 79 15.84 -15.84 35.39
C ARG D 79 15.35 -16.30 34.02
N ASN D 80 14.49 -17.31 34.03
CA ASN D 80 13.84 -17.78 32.84
C ASN D 80 12.58 -16.99 32.55
N ARG D 81 12.48 -16.43 31.34
CA ARG D 81 11.29 -15.69 30.95
C ARG D 81 10.24 -16.61 30.36
N MET D 82 8.98 -16.34 30.69
CA MET D 82 7.91 -17.25 30.30
C MET D 82 6.60 -16.49 30.12
N TRP D 83 5.77 -17.01 29.21
CA TRP D 83 4.48 -16.41 28.86
C TRP D 83 3.44 -17.05 29.76
N ALA D 84 3.04 -16.32 30.81
CA ALA D 84 2.37 -16.95 31.94
C ALA D 84 0.86 -17.06 31.79
N GLY D 85 0.22 -16.08 31.14
CA GLY D 85 -1.20 -16.15 30.84
C GLY D 85 -1.69 -14.79 30.36
N GLY D 86 -3.01 -14.67 30.27
CA GLY D 86 -3.56 -13.38 29.91
C GLY D 86 -5.07 -13.35 29.91
N ARG D 87 -5.59 -12.15 29.67
CA ARG D 87 -7.03 -11.90 29.58
C ARG D 87 -7.31 -11.02 28.38
N LEU D 88 -8.41 -11.31 27.72
CA LEU D 88 -8.80 -10.63 26.49
C LEU D 88 -10.30 -10.32 26.52
N GLU D 89 -10.64 -9.15 26.01
CA GLU D 89 -12.01 -8.69 25.81
C GLU D 89 -12.22 -8.49 24.31
N PHE D 90 -13.16 -9.23 23.74
CA PHE D 90 -13.40 -9.21 22.31
C PHE D 90 -14.57 -8.25 22.04
N HIS D 91 -14.30 -7.17 21.34
CA HIS D 91 -15.34 -6.21 20.99
C HIS D 91 -15.88 -6.43 19.59
N GLN D 92 -15.02 -6.42 18.58
CA GLN D 92 -15.37 -6.83 17.22
C GLN D 92 -14.15 -7.44 16.59
N PRO D 93 -14.26 -8.24 15.56
CA PRO D 93 -13.08 -8.85 14.96
C PRO D 93 -12.22 -7.83 14.24
N LEU D 94 -10.93 -8.09 14.26
CA LEU D 94 -10.02 -7.37 13.36
C LEU D 94 -10.26 -7.87 11.95
N ARG D 95 -10.12 -6.98 10.98
CA ARG D 95 -10.43 -7.26 9.59
C ARG D 95 -9.14 -7.51 8.82
N VAL D 96 -9.07 -8.69 8.17
CA VAL D 96 -7.93 -9.03 7.36
C VAL D 96 -7.77 -8.04 6.23
N GLY D 97 -6.54 -7.59 6.00
CA GLY D 97 -6.24 -6.61 5.00
C GLY D 97 -6.32 -5.16 5.47
N GLY D 98 -6.86 -4.90 6.63
CA GLY D 98 -6.96 -3.55 7.11
C GLY D 98 -5.71 -3.13 7.90
N GLU D 99 -5.60 -1.82 8.12
CA GLU D 99 -4.62 -1.26 9.04
C GLU D 99 -5.17 -1.39 10.45
N ALA D 100 -4.27 -1.42 11.43
CA ALA D 100 -4.69 -1.51 12.82
C ALA D 100 -3.57 -0.92 13.66
N SER D 101 -3.93 -0.45 14.85
CA SER D 101 -2.96 0.15 15.75
C SER D 101 -3.09 -0.48 17.13
N ARG D 102 -1.96 -0.68 17.79
CA ARG D 102 -1.91 -1.24 19.14
C ARG D 102 -1.37 -0.17 20.07
N THR D 103 -2.15 0.20 21.07
CA THR D 103 -1.69 1.07 22.15
C THR D 103 -1.38 0.19 23.36
N SER D 104 -0.16 0.31 23.88
CA SER D 104 0.37 -0.62 24.86
C SER D 104 0.94 0.13 26.05
N THR D 105 0.81 -0.48 27.22
CA THR D 105 1.47 0.07 28.39
C THR D 105 1.75 -1.05 29.39
N ILE D 106 2.72 -0.82 30.25
CA ILE D 106 2.95 -1.73 31.36
C ILE D 106 1.91 -1.40 32.41
N LEU D 107 1.00 -2.32 32.72
CA LEU D 107 -0.07 -2.10 33.64
C LEU D 107 0.36 -2.36 35.07
N ARG D 108 1.18 -3.37 35.27
CA ARG D 108 1.49 -3.86 36.61
C ARG D 108 2.81 -4.62 36.57
N VAL D 109 3.61 -4.39 37.59
CA VAL D 109 4.80 -5.18 37.87
C VAL D 109 4.70 -5.62 39.32
N GLU D 110 4.85 -6.90 39.57
CA GLU D 110 4.58 -7.42 40.88
C GLU D 110 5.53 -8.53 41.24
N GLU D 111 6.10 -8.40 42.43
CA GLU D 111 7.02 -9.38 42.98
C GLU D 111 6.26 -10.40 43.81
N LYS D 112 6.53 -11.67 43.56
CA LYS D 112 6.01 -12.78 44.35
C LYS D 112 7.18 -13.42 45.09
N HIS D 113 7.21 -13.25 46.40
CA HIS D 113 8.19 -13.87 47.27
C HIS D 113 7.57 -15.02 48.04
N GLY D 114 8.41 -15.75 48.76
CA GLY D 114 7.95 -16.82 49.61
C GLY D 114 7.96 -18.17 48.94
N ARG D 115 9.07 -18.90 49.10
CA ARG D 115 9.16 -20.26 48.59
C ARG D 115 9.04 -20.24 47.06
N SER D 116 9.51 -21.31 46.41
CA SER D 116 9.46 -21.46 44.96
C SER D 116 10.61 -20.75 44.26
N GLY D 117 11.21 -19.80 44.94
CA GLY D 117 11.99 -18.75 44.30
C GLY D 117 11.14 -17.54 44.02
N ALA D 118 11.77 -16.36 44.04
CA ALA D 118 11.08 -15.11 43.74
C ALA D 118 10.70 -15.04 42.26
N LEU D 119 9.46 -14.62 42.02
CA LEU D 119 8.90 -14.48 40.68
C LEU D 119 8.59 -13.03 40.41
N LEU D 120 9.01 -12.51 39.27
CA LEU D 120 8.65 -11.18 38.83
C LEU D 120 7.57 -11.34 37.77
N PHE D 121 6.37 -10.84 38.06
CA PHE D 121 5.24 -10.86 37.16
C PHE D 121 5.10 -9.49 36.52
N VAL D 122 5.25 -9.42 35.21
CA VAL D 122 4.96 -8.20 34.49
C VAL D 122 3.66 -8.38 33.73
N THR D 123 2.82 -7.34 33.75
CA THR D 123 1.55 -7.41 33.04
C THR D 123 1.45 -6.27 32.04
N LEU D 124 1.30 -6.63 30.77
CA LEU D 124 1.12 -5.65 29.70
C LEU D 124 -0.37 -5.50 29.41
N ARG D 125 -0.75 -4.27 29.10
CA ARG D 125 -2.07 -3.94 28.60
C ARG D 125 -1.97 -3.51 27.16
N HIS D 126 -2.73 -4.18 26.27
CA HIS D 126 -2.78 -3.84 24.85
C HIS D 126 -4.21 -3.51 24.42
N ASP D 127 -4.38 -2.38 23.75
CA ASP D 127 -5.67 -2.03 23.13
C ASP D 127 -5.50 -1.96 21.61
N TYR D 128 -6.30 -2.73 20.90
CA TYR D 128 -6.20 -2.79 19.46
C TYR D 128 -7.36 -2.07 18.81
N ARG D 129 -7.02 -1.14 17.96
CA ARG D 129 -8.00 -0.36 17.20
C ARG D 129 -7.84 -0.52 15.71
N GLN D 130 -8.97 -0.44 15.03
CA GLN D 130 -9.01 -0.41 13.57
C GLN D 130 -10.11 0.53 13.10
N ASP D 131 -9.80 1.38 12.14
CA ASP D 131 -10.77 2.32 11.60
C ASP D 131 -11.36 3.17 12.74
N GLY D 132 -10.53 3.49 13.73
CA GLY D 132 -10.95 4.28 14.86
C GLY D 132 -11.71 3.55 15.96
N GLN D 133 -12.08 2.29 15.76
CA GLN D 133 -12.90 1.58 16.72
C GLN D 133 -12.08 0.57 17.51
N LEU D 134 -12.44 0.36 18.76
CA LEU D 134 -11.71 -0.54 19.63
C LEU D 134 -12.16 -1.94 19.35
N ALA D 135 -11.25 -2.77 18.84
CA ALA D 135 -11.65 -4.10 18.43
C ALA D 135 -11.45 -5.11 19.57
N LEU D 136 -10.36 -4.96 20.29
CA LEU D 136 -9.85 -5.97 21.19
C LEU D 136 -9.05 -5.29 22.26
N SER D 137 -9.25 -5.74 23.50
CA SER D 137 -8.44 -5.33 24.65
C SER D 137 -7.79 -6.57 25.25
N GLU D 138 -6.53 -6.42 25.68
CA GLU D 138 -5.76 -7.57 26.16
C GLU D 138 -4.88 -7.20 27.35
N GLU D 139 -4.75 -8.16 28.26
CA GLU D 139 -3.70 -8.12 29.27
C GLU D 139 -2.86 -9.39 29.08
N HIS D 140 -1.54 -9.20 29.12
CA HIS D 140 -0.56 -10.27 28.92
C HIS D 140 0.36 -10.35 30.13
N ASP D 141 0.40 -11.52 30.76
CA ASP D 141 1.20 -11.75 31.95
C ASP D 141 2.50 -12.48 31.58
N ILE D 142 3.64 -11.83 31.80
CA ILE D 142 4.96 -12.40 31.64
C ILE D 142 5.58 -12.61 33.02
N VAL D 143 6.17 -13.80 33.26
CA VAL D 143 6.84 -14.09 34.52
C VAL D 143 8.32 -14.37 34.27
N TYR D 144 9.15 -13.93 35.20
CA TYR D 144 10.55 -14.31 35.29
C TYR D 144 10.74 -15.14 36.57
N ARG D 145 11.13 -16.40 36.40
CA ARG D 145 11.35 -17.32 37.51
C ARG D 145 12.73 -17.94 37.38
N GLU D 146 13.11 -18.74 38.39
CA GLU D 146 14.37 -19.50 38.36
C GLU D 146 14.09 -20.92 37.92
N PRO D 147 15.13 -21.66 37.49
CA PRO D 147 14.89 -22.98 36.88
C PRO D 147 14.18 -23.96 37.81
N THR D 148 13.18 -24.67 37.24
CA THR D 148 12.37 -25.66 37.96
C THR D 148 11.58 -26.49 36.95
N PRO D 149 11.23 -27.75 37.27
CA PRO D 149 10.36 -28.55 36.40
C PRO D 149 9.08 -27.82 35.99
N GLY D 154 2.41 -29.21 41.74
CA GLY D 154 2.32 -30.62 41.37
C GLY D 154 1.24 -30.85 40.34
N THR D 155 0.88 -32.12 40.09
CA THR D 155 -0.08 -32.46 39.04
C THR D 155 -1.47 -31.87 39.37
N GLU D 156 -2.26 -31.72 38.31
CA GLU D 156 -3.56 -31.03 38.35
C GLU D 156 -4.73 -31.90 37.91
N ALA D 157 -4.48 -32.99 37.16
CA ALA D 157 -5.47 -34.00 36.85
C ALA D 157 -6.40 -33.58 35.72
N LEU D 158 -6.50 -34.44 34.69
CA LEU D 158 -7.21 -34.11 33.47
C LEU D 158 -8.68 -34.39 33.63
N PRO D 159 -9.55 -33.38 33.57
CA PRO D 159 -10.96 -33.63 33.84
C PRO D 159 -11.82 -34.10 32.67
N GLU D 160 -13.09 -34.36 33.02
CA GLU D 160 -14.14 -34.70 32.06
C GLU D 160 -14.58 -33.46 31.30
N GLY D 161 -15.12 -33.69 30.10
CA GLY D 161 -15.53 -32.55 29.30
C GLY D 161 -16.52 -32.87 28.21
N ASP D 162 -17.04 -31.80 27.61
CA ASP D 162 -18.03 -31.91 26.53
C ASP D 162 -17.40 -32.10 25.16
N TRP D 163 -16.15 -31.68 24.96
CA TRP D 163 -15.49 -31.85 23.66
C TRP D 163 -14.03 -32.16 23.95
N ARG D 164 -13.36 -32.77 22.96
CA ARG D 164 -11.98 -33.16 23.15
C ARG D 164 -11.26 -33.11 21.81
N GLU D 165 -9.98 -32.74 21.86
CA GLU D 165 -9.18 -32.73 20.64
C GLU D 165 -7.79 -33.25 20.94
N ALA D 166 -7.39 -34.27 20.18
CA ALA D 166 -6.11 -34.94 20.33
C ALA D 166 -5.06 -34.22 19.50
N LEU D 167 -3.97 -33.85 20.16
CA LEU D 167 -2.94 -33.04 19.52
C LEU D 167 -1.57 -33.69 19.71
N GLU D 168 -0.84 -33.81 18.60
CA GLU D 168 0.51 -34.34 18.59
C GLU D 168 1.48 -33.26 18.12
N PRO D 169 2.14 -32.55 19.02
CA PRO D 169 3.05 -31.48 18.58
C PRO D 169 4.32 -32.03 17.97
N ASP D 170 4.90 -31.23 17.05
CA ASP D 170 6.26 -31.52 16.55
C ASP D 170 7.08 -30.24 16.41
N PRO D 171 8.37 -30.37 16.13
CA PRO D 171 9.21 -29.15 16.07
C PRO D 171 8.86 -28.19 14.94
N VAL D 172 8.34 -28.70 13.84
CA VAL D 172 7.93 -27.84 12.73
C VAL D 172 6.78 -26.95 13.15
N LEU D 173 5.80 -27.52 13.83
CA LEU D 173 4.70 -26.75 14.40
C LEU D 173 5.24 -25.67 15.32
N LEU D 174 6.14 -26.04 16.24
CA LEU D 174 6.66 -25.04 17.16
C LEU D 174 7.44 -23.96 16.43
N PHE D 175 8.25 -24.38 15.45
CA PHE D 175 9.01 -23.42 14.66
C PHE D 175 8.06 -22.45 13.96
N ARG D 176 6.99 -22.98 13.36
CA ARG D 176 6.10 -22.16 12.57
C ARG D 176 5.38 -21.17 13.45
N TYR D 177 4.99 -21.57 14.67
CA TYR D 177 4.30 -20.63 15.53
C TYR D 177 5.27 -19.53 15.99
N SER D 178 6.49 -19.89 16.32
CA SER D 178 7.47 -18.86 16.62
C SER D 178 7.68 -17.95 15.39
N ALA D 179 7.67 -18.55 14.18
CA ALA D 179 7.92 -17.80 12.98
C ALA D 179 6.85 -16.76 12.75
N VAL D 180 5.57 -17.14 12.88
CA VAL D 180 4.52 -16.19 12.54
C VAL D 180 4.49 -15.04 13.58
N THR D 181 4.82 -15.35 14.83
CA THR D 181 4.92 -14.34 15.88
C THR D 181 6.29 -13.69 15.92
N PHE D 182 7.17 -14.10 15.04
CA PHE D 182 8.55 -13.61 14.97
C PHE D 182 9.15 -13.50 16.36
N ASN D 183 8.94 -14.57 17.12
CA ASN D 183 9.40 -14.68 18.50
C ASN D 183 10.73 -15.41 18.48
N GLY D 184 11.78 -14.71 18.83
CA GLY D 184 13.10 -15.26 18.91
C GLY D 184 13.41 -16.14 20.12
N HIS D 185 12.48 -16.29 21.07
CA HIS D 185 12.72 -17.07 22.28
C HIS D 185 13.15 -18.53 22.00
N ARG D 186 14.37 -18.84 22.40
CA ARG D 186 15.01 -20.09 22.01
C ARG D 186 14.40 -21.35 22.60
N ILE D 187 13.56 -21.23 23.65
CA ILE D 187 12.99 -22.45 24.22
C ILE D 187 12.03 -23.13 23.27
N HIS D 188 11.60 -22.48 22.21
CA HIS D 188 10.65 -23.13 21.33
C HIS D 188 11.29 -23.80 20.10
N TYR D 189 12.60 -23.67 19.92
CA TYR D 189 13.20 -24.34 18.77
C TYR D 189 14.67 -24.73 18.88
N ASP D 190 15.40 -24.14 19.83
CA ASP D 190 16.81 -24.43 20.08
C ASP D 190 16.95 -25.46 21.22
N TRP D 191 16.99 -26.73 20.83
CA TRP D 191 16.88 -27.85 21.76
C TRP D 191 18.10 -27.93 22.67
N PRO D 192 19.30 -27.78 22.14
CA PRO D 192 20.45 -27.66 23.05
C PRO D 192 20.27 -26.52 24.04
N TYR D 193 19.72 -25.39 23.62
CA TYR D 193 19.56 -24.31 24.58
C TYR D 193 18.49 -24.63 25.62
N VAL D 194 17.32 -25.11 25.18
CA VAL D 194 16.22 -25.22 26.12
C VAL D 194 16.61 -26.14 27.27
N THR D 195 17.31 -27.25 26.95
CA THR D 195 17.78 -28.19 27.95
C THR D 195 18.96 -27.65 28.75
N ASP D 196 20.14 -27.54 28.14
CA ASP D 196 21.33 -27.20 28.90
C ASP D 196 21.25 -25.80 29.49
N ALA D 197 20.63 -24.85 28.82
CA ALA D 197 20.69 -23.48 29.28
C ALA D 197 19.62 -23.14 30.31
N GLU D 198 18.40 -23.64 30.11
CA GLU D 198 17.27 -23.25 30.93
C GLU D 198 16.61 -24.43 31.64
N GLY D 199 17.08 -25.66 31.43
CA GLY D 199 16.79 -26.77 32.32
C GLY D 199 15.57 -27.59 31.96
N TYR D 200 14.81 -27.19 30.97
CA TYR D 200 13.65 -27.96 30.59
C TYR D 200 14.07 -29.30 30.00
N PRO D 201 13.14 -30.26 29.94
CA PRO D 201 13.45 -31.55 29.31
C PRO D 201 13.46 -31.52 27.79
N GLY D 202 13.04 -30.43 27.18
CA GLY D 202 12.91 -30.35 25.74
C GLY D 202 12.21 -29.05 25.36
N LEU D 203 11.86 -28.97 24.07
CA LEU D 203 11.22 -27.76 23.59
C LEU D 203 9.88 -27.52 24.29
N VAL D 204 9.65 -26.26 24.63
CA VAL D 204 8.42 -25.81 25.26
C VAL D 204 7.37 -25.50 24.22
N VAL D 205 6.20 -26.11 24.35
CA VAL D 205 5.07 -25.72 23.50
C VAL D 205 4.53 -24.38 23.99
N HIS D 206 4.30 -23.44 23.08
CA HIS D 206 4.09 -22.07 23.54
C HIS D 206 2.76 -21.97 24.32
N GLY D 207 2.79 -21.25 25.43
CA GLY D 207 1.57 -20.83 26.11
C GLY D 207 0.49 -20.28 25.18
N PRO D 208 0.84 -19.24 24.42
CA PRO D 208 -0.15 -18.68 23.47
C PRO D 208 -0.63 -19.69 22.43
N LEU D 209 0.26 -20.56 21.95
CA LEU D 209 -0.18 -21.56 20.98
C LEU D 209 -1.19 -22.48 21.61
N ILE D 210 -0.92 -22.91 22.85
CA ILE D 210 -1.82 -23.79 23.59
C ILE D 210 -3.15 -23.11 23.87
N ALA D 211 -3.12 -21.84 24.25
CA ALA D 211 -4.36 -21.09 24.46
C ALA D 211 -5.18 -20.99 23.17
N THR D 212 -4.54 -20.71 22.03
CA THR D 212 -5.25 -20.65 20.78
C THR D 212 -5.89 -21.98 20.45
N LEU D 213 -5.19 -23.08 20.75
CA LEU D 213 -5.75 -24.41 20.44
C LEU D 213 -6.93 -24.71 21.35
N ALA D 214 -6.81 -24.38 22.64
CA ALA D 214 -7.92 -24.56 23.57
C ALA D 214 -9.12 -23.70 23.17
N LEU D 215 -8.88 -22.45 22.81
CA LEU D 215 -10.01 -21.59 22.43
C LEU D 215 -10.63 -22.07 21.13
N ARG D 216 -9.79 -22.48 20.15
CA ARG D 216 -10.34 -22.94 18.88
C ARG D 216 -11.20 -24.17 19.06
N ALA D 217 -10.83 -25.08 19.98
CA ALA D 217 -11.63 -26.24 20.28
C ALA D 217 -12.98 -25.86 20.86
N PHE D 218 -13.00 -24.90 21.79
CA PHE D 218 -14.27 -24.42 22.27
C PHE D 218 -15.14 -23.96 21.12
N CYS D 219 -14.56 -23.21 20.16
CA CYS D 219 -15.35 -22.60 19.09
C CYS D 219 -15.88 -23.66 18.13
N ARG D 220 -15.08 -24.69 17.86
CA ARG D 220 -15.55 -25.81 17.06
C ARG D 220 -16.68 -26.54 17.75
N ALA D 221 -16.55 -26.79 19.05
CA ALA D 221 -17.62 -27.43 19.80
C ALA D 221 -18.87 -26.57 19.84
N ASN D 222 -18.74 -25.26 19.74
CA ASN D 222 -19.84 -24.33 19.94
C ASN D 222 -19.81 -23.29 18.84
N PRO D 223 -20.07 -23.71 17.60
CA PRO D 223 -19.84 -22.82 16.45
C PRO D 223 -20.74 -21.61 16.42
N GLN D 224 -21.79 -21.58 17.23
CA GLN D 224 -22.67 -20.43 17.30
C GLN D 224 -22.18 -19.40 18.30
N ALA D 225 -21.30 -19.78 19.21
CA ALA D 225 -20.84 -18.87 20.24
C ALA D 225 -20.13 -17.66 19.64
N ARG D 226 -20.45 -16.49 20.19
CA ARG D 226 -19.76 -15.24 19.87
C ARG D 226 -18.95 -14.83 21.09
N LEU D 227 -17.66 -14.67 20.91
CA LEU D 227 -16.73 -14.52 22.01
C LEU D 227 -16.85 -13.14 22.64
N ARG D 228 -16.82 -13.09 23.96
CA ARG D 228 -16.75 -11.83 24.68
C ARG D 228 -15.51 -11.71 25.52
N ARG D 229 -15.12 -12.77 26.22
CA ARG D 229 -13.93 -12.72 27.09
C ARG D 229 -13.24 -14.09 27.07
N PHE D 230 -11.94 -14.06 27.27
CA PHE D 230 -11.15 -15.27 27.37
C PHE D 230 -10.01 -14.97 28.32
N ALA D 231 -9.86 -15.82 29.33
CA ALA D 231 -8.72 -15.78 30.25
C ALA D 231 -8.02 -17.12 30.13
N TYR D 232 -6.69 -17.13 30.13
CA TYR D 232 -5.92 -18.40 30.08
C TYR D 232 -4.80 -18.30 31.11
N ARG D 233 -4.49 -19.41 31.75
CA ARG D 233 -3.52 -19.44 32.86
C ARG D 233 -2.62 -20.65 32.67
N GLY D 234 -1.31 -20.43 32.62
CA GLY D 234 -0.37 -21.52 32.55
C GLY D 234 -0.13 -22.13 33.92
N LEU D 235 -0.20 -23.47 33.98
CA LEU D 235 0.04 -24.27 35.18
C LEU D 235 1.45 -24.89 35.18
N ARG D 236 1.78 -25.68 34.16
CA ARG D 236 3.13 -26.20 33.99
C ARG D 236 3.51 -26.22 32.51
N PRO D 237 4.80 -26.12 32.21
CA PRO D 237 5.23 -26.15 30.81
C PRO D 237 4.97 -27.48 30.13
N LEU D 238 4.54 -27.40 28.89
CA LEU D 238 4.23 -28.58 28.08
C LEU D 238 5.38 -28.77 27.09
N ILE D 239 5.85 -30.01 26.96
CA ILE D 239 7.14 -30.27 26.33
C ILE D 239 6.94 -31.08 25.07
N CYS D 240 7.61 -30.65 24.01
CA CYS D 240 7.55 -31.29 22.70
C CYS D 240 8.43 -32.53 22.69
N PRO D 241 7.96 -33.63 22.09
CA PRO D 241 6.72 -33.89 21.38
C PRO D 241 5.68 -34.66 22.15
N GLU D 242 5.64 -34.51 23.48
CA GLU D 242 4.72 -35.25 24.34
C GLU D 242 3.27 -35.02 23.93
N PRO D 243 2.54 -36.03 23.49
CA PRO D 243 1.16 -35.80 23.07
C PRO D 243 0.37 -35.16 24.19
N PHE D 244 -0.69 -34.48 23.80
CA PHE D 244 -1.54 -33.80 24.78
C PHE D 244 -2.91 -33.63 24.14
N GLU D 245 -3.82 -33.04 24.90
CA GLU D 245 -5.15 -32.74 24.41
C GLU D 245 -5.62 -31.44 25.03
N VAL D 246 -6.52 -30.78 24.31
CA VAL D 246 -7.26 -29.65 24.82
C VAL D 246 -8.71 -30.09 24.98
N GLY D 247 -9.39 -29.52 25.95
CA GLY D 247 -10.81 -29.78 26.10
C GLY D 247 -11.43 -28.70 26.97
N GLY D 248 -12.72 -28.86 27.20
CA GLY D 248 -13.42 -28.00 28.13
C GLY D 248 -14.87 -28.39 28.19
N ARG D 249 -15.61 -27.70 29.08
CA ARG D 249 -17.02 -27.96 29.33
C ARG D 249 -17.77 -26.64 29.42
N LEU D 250 -19.03 -26.67 29.01
CA LEU D 250 -19.93 -25.55 29.28
C LEU D 250 -20.29 -25.52 30.76
N LEU D 251 -20.36 -24.35 31.30
CA LEU D 251 -20.75 -24.12 32.69
C LEU D 251 -22.10 -23.36 32.75
N ALA D 252 -22.26 -22.23 33.42
CA ALA D 252 -23.38 -21.37 33.34
C ALA D 252 -23.55 -20.86 31.91
N ALA D 253 -24.70 -20.27 31.68
CA ALA D 253 -25.04 -19.79 30.35
C ALA D 253 -24.02 -18.74 29.91
N GLY D 254 -23.59 -18.84 28.66
CA GLY D 254 -22.56 -17.96 28.16
C GLY D 254 -21.25 -18.07 28.89
N LYS D 255 -21.01 -19.21 29.55
CA LYS D 255 -19.76 -19.42 30.23
C LYS D 255 -19.28 -20.81 29.92
N ALA D 256 -17.98 -21.01 30.05
CA ALA D 256 -17.36 -22.29 29.79
C ALA D 256 -15.91 -22.19 30.22
N GLU D 257 -15.28 -23.32 30.39
CA GLU D 257 -13.87 -23.37 30.77
C GLU D 257 -13.16 -24.34 29.84
N VAL D 258 -11.84 -24.19 29.76
CA VAL D 258 -11.04 -25.02 28.89
C VAL D 258 -9.77 -25.41 29.62
N TRP D 259 -9.15 -26.49 29.16
CA TRP D 259 -7.89 -26.91 29.77
C TRP D 259 -7.00 -27.49 28.67
N VAL D 260 -5.71 -27.58 28.98
CA VAL D 260 -4.75 -28.31 28.13
C VAL D 260 -4.00 -29.26 29.05
N GLY D 261 -3.97 -30.54 28.67
CA GLY D 261 -3.31 -31.51 29.53
C GLY D 261 -3.05 -32.85 28.86
N ASN D 262 -2.26 -33.66 29.57
CA ASN D 262 -1.96 -35.03 29.19
C ASN D 262 -1.87 -35.84 30.49
N GLY D 263 -1.42 -37.11 30.37
CA GLY D 263 -1.41 -38.03 31.50
C GLY D 263 -0.80 -37.40 32.72
N ALA D 264 0.24 -36.59 32.54
CA ALA D 264 0.94 -35.96 33.64
C ALA D 264 0.14 -34.83 34.29
N GLY D 265 -1.07 -34.56 33.81
CA GLY D 265 -1.90 -33.52 34.37
C GLY D 265 -2.09 -32.35 33.40
N LEU D 266 -2.77 -31.33 33.93
CA LEU D 266 -3.10 -30.16 33.13
C LEU D 266 -1.88 -29.25 33.04
N ALA D 267 -1.73 -28.59 31.90
CA ALA D 267 -0.69 -27.60 31.71
C ALA D 267 -1.25 -26.20 31.62
N GLN D 268 -2.47 -26.06 31.14
CA GLN D 268 -3.12 -24.76 31.05
C GLN D 268 -4.59 -24.94 31.33
N ARG D 269 -5.18 -23.90 31.94
CA ARG D 269 -6.62 -23.79 32.17
C ARG D 269 -7.07 -22.45 31.65
N GLY D 270 -8.30 -22.38 31.15
CA GLY D 270 -8.84 -21.10 30.73
C GLY D 270 -10.33 -20.95 30.97
N ASP D 271 -10.77 -19.68 30.88
CA ASP D 271 -12.16 -19.29 31.06
C ASP D 271 -12.67 -18.59 29.81
N VAL D 272 -13.85 -18.99 29.36
CA VAL D 272 -14.48 -18.45 28.16
C VAL D 272 -15.82 -17.84 28.53
N GLU D 273 -16.03 -16.59 28.13
CA GLU D 273 -17.34 -15.95 28.21
C GLU D 273 -17.84 -15.62 26.82
N PHE D 274 -19.09 -15.99 26.55
CA PHE D 274 -19.63 -15.83 25.22
C PHE D 274 -21.11 -15.51 25.28
N ASP D 275 -21.66 -15.24 24.08
CA ASP D 275 -23.09 -15.11 23.88
C ASP D 275 -23.58 -16.27 23.06
C1 GOL E . -4.70 25.21 9.43
O1 GOL E . -5.02 26.09 10.51
C2 GOL E . -5.31 25.80 8.19
O2 GOL E . -4.31 26.33 7.34
C3 GOL E . -6.08 24.70 7.44
O3 GOL E . -5.32 24.31 6.29
H11 GOL E . -5.05 24.31 9.57
H12 GOL E . -3.74 25.10 9.30
HO1 GOL E . -4.64 25.78 11.19
H2 GOL E . -5.92 26.51 8.47
HO2 GOL E . -4.23 25.81 6.67
H31 GOL E . -6.96 25.05 7.22
H32 GOL E . -6.25 23.97 8.05
HO3 GOL E . -5.78 23.72 5.89
N NO3 F . 10.33 30.46 3.91
O1 NO3 F . 9.64 29.73 3.14
O2 NO3 F . 10.55 31.69 3.63
O3 NO3 F . 10.81 29.96 4.99
C1 GOL G . 9.00 41.39 -6.72
O1 GOL G . 7.71 41.96 -6.55
C2 GOL G . 8.75 39.92 -6.78
O2 GOL G . 9.92 39.11 -6.93
C3 GOL G . 8.12 39.51 -5.44
O3 GOL G . 8.61 38.16 -5.21
H11 GOL G . 9.62 41.59 -6.00
H12 GOL G . 9.44 41.69 -7.54
HO1 GOL G . 7.60 42.51 -7.19
H2 GOL G . 8.19 39.80 -7.56
HO2 GOL G . 10.12 38.81 -6.16
H31 GOL G . 7.15 39.57 -5.50
H32 GOL G . 8.38 40.14 -4.74
HO3 GOL G . 8.24 37.89 -4.49
N NO3 H . -5.97 30.70 -2.76
O1 NO3 H . -5.36 31.81 -2.88
O2 NO3 H . -5.43 29.74 -2.10
O3 NO3 H . -7.13 30.59 -3.27
N NO3 I . -8.32 30.40 4.70
O1 NO3 I . -8.55 29.58 5.64
O2 NO3 I . -8.74 31.59 4.81
O3 NO3 I . -7.67 30.05 3.67
C1 GOL J . -2.39 25.50 -0.04
O1 GOL J . -1.69 26.47 0.86
C2 GOL J . -3.92 25.73 0.26
O2 GOL J . -4.84 25.44 -0.78
C3 GOL J . -4.25 24.74 1.44
O3 GOL J . -4.60 25.52 2.52
H11 GOL J . -2.14 24.59 0.13
H12 GOL J . -2.20 25.66 -0.98
HO1 GOL J . -0.89 26.55 0.56
H2 GOL J . -4.01 26.68 0.44
HO2 GOL J . -4.66 25.96 -1.43
H31 GOL J . -4.96 24.14 1.16
H32 GOL J . -3.48 24.18 1.60
HO3 GOL J . -4.81 24.98 3.15
N NO3 K . 5.99 -24.28 -9.86
O1 NO3 K . 5.68 -24.35 -8.63
O2 NO3 K . 7.22 -24.20 -10.15
O3 NO3 K . 5.11 -24.30 -10.79
N NO3 L . 15.21 -25.30 -1.78
O1 NO3 L . 16.25 -25.06 -2.47
O2 NO3 L . 15.28 -26.25 -0.95
O3 NO3 L . 14.16 -24.58 -1.97
N NO3 M . 2.58 -2.67 7.00
O1 NO3 M . 2.76 -3.84 6.59
O2 NO3 M . 2.24 -1.80 6.13
O3 NO3 M . 2.74 -2.39 8.24
N NO3 N . 18.57 -15.39 -16.00
O1 NO3 N . 18.44 -14.41 -16.80
O2 NO3 N . 17.99 -15.33 -14.85
O3 NO3 N . 19.27 -16.38 -16.33
N NO3 O . 24.08 -9.97 10.42
O1 NO3 O . 24.07 -9.92 11.69
O2 NO3 O . 24.37 -8.91 9.73
O3 NO3 O . 23.81 -11.06 9.83
C1 GOL P . 4.46 0.60 -4.92
O1 GOL P . 5.40 1.36 -4.13
C2 GOL P . 4.41 1.12 -6.37
O2 GOL P . 4.68 0.11 -7.35
C3 GOL P . 2.95 1.64 -6.57
O3 GOL P . 2.50 1.23 -7.87
H11 GOL P . 3.56 0.64 -4.56
H12 GOL P . 4.68 -0.35 -4.94
HO1 GOL P . 4.97 2.01 -3.81
H2 GOL P . 5.08 1.81 -6.47
HO2 GOL P . 4.06 0.13 -7.93
H31 GOL P . 2.95 2.61 -6.44
H32 GOL P . 2.40 1.30 -5.84
HO3 GOL P . 1.93 0.62 -7.75
C1 GOL Q . 12.75 -19.14 -4.78
O1 GOL Q . 12.13 -18.41 -3.75
C2 GOL Q . 11.82 -20.36 -5.07
O2 GOL Q . 12.44 -21.16 -6.07
C3 GOL Q . 11.51 -21.04 -3.70
O3 GOL Q . 10.19 -21.63 -3.80
H11 GOL Q . 13.64 -19.45 -4.53
H12 GOL Q . 12.87 -18.62 -5.59
HO1 GOL Q . 12.74 -18.14 -3.23
H2 GOL Q . 10.96 -20.12 -5.42
HO2 GOL Q . 12.29 -21.97 -5.89
H31 GOL Q . 11.57 -20.36 -3.01
H32 GOL Q . 12.21 -21.68 -3.51
HO3 GOL Q . 10.22 -22.19 -4.43
N NO3 R . -13.19 3.77 -19.82
O1 NO3 R . -13.62 3.51 -18.64
O2 NO3 R . -12.62 4.89 -20.06
O3 NO3 R . -13.32 2.94 -20.78
C1 GOL S . -6.31 -0.35 -27.21
O1 GOL S . -6.39 -1.73 -26.86
C2 GOL S . -6.59 0.44 -25.92
O2 GOL S . -6.23 1.79 -26.03
C3 GOL S . -8.11 0.29 -25.66
O3 GOL S . -8.40 1.08 -24.52
H11 GOL S . -6.94 -0.10 -27.89
H12 GOL S . -5.43 -0.11 -27.55
HO1 GOL S . -6.05 -2.17 -27.50
H2 GOL S . -6.07 0.06 -25.19
HO2 GOL S . -6.73 2.23 -25.52
H31 GOL S . -8.32 -0.65 -25.55
H32 GOL S . -8.59 0.56 -26.46
HO3 GOL S . -9.25 1.03 -24.41
N NO3 T . -10.59 5.01 -28.69
O1 NO3 T . -10.52 5.22 -29.94
O2 NO3 T . -10.58 5.94 -27.84
O3 NO3 T . -10.64 3.82 -28.27
N NO3 U . -16.55 8.71 -23.47
O1 NO3 U . -17.54 7.92 -23.32
O2 NO3 U . -15.38 8.32 -23.09
O3 NO3 U . -16.75 9.87 -23.99
N NO3 V . -21.04 12.21 -21.20
O1 NO3 V . -20.62 12.25 -22.41
O2 NO3 V . -22.24 12.55 -20.91
O3 NO3 V . -20.28 11.84 -20.27
N NO3 W . -4.33 -6.78 -1.76
O1 NO3 W . -3.86 -5.84 -1.07
O2 NO3 W . -5.48 -6.68 -2.30
O3 NO3 W . -3.62 -7.84 -1.91
C1 GOL X . 5.67 -8.60 23.57
O1 GOL X . 6.49 -9.42 22.73
C2 GOL X . 4.33 -8.59 22.91
O2 GOL X . 3.79 -9.87 22.78
C3 GOL X . 3.43 -7.73 23.79
O3 GOL X . 2.54 -8.60 24.56
H11 GOL X . 5.99 -7.70 23.65
H12 GOL X . 5.59 -8.94 24.47
HO1 GOL X . 6.58 -9.01 22.00
H2 GOL X . 4.42 -8.23 22.01
HO2 GOL X . 3.24 -9.99 23.42
H31 GOL X . 2.95 -7.11 23.23
H32 GOL X . 4.00 -7.18 24.35
HO3 GOL X . 2.40 -8.21 25.31
N NO3 Y . 5.85 -19.85 26.82
O1 NO3 Y . 5.30 -19.49 25.74
O2 NO3 Y . 5.51 -20.96 27.29
O3 NO3 Y . 6.74 -19.12 27.39
#